data_6HMO
#
_entry.id   6HMO
#
loop_
_entity.id
_entity.type
_entity.pdbx_description
1 polymer "RNA (5'-R(*AP*UP*AP*CP*(PSU)P*(PSU)P*AP*CP*CP*UP*G)-3')"
2 polymer "RNA (5'-R(*GP*GP*AP*GP*UP*AP*AP*GP*UP*CP*U)-3')"
3 non-polymer 2-(8-fluoranyl-2-methyl-imidazo[1,2-a]pyridin-6-yl)-7-(4-methylpiperazin-1-yl)pyrido[1,2-a]pyrimidin-4-one
#
loop_
_entity_poly.entity_id
_entity_poly.type
_entity_poly.pdbx_seq_one_letter_code
_entity_poly.pdbx_strand_id
1 'polyribonucleotide' AUAC(PSU)(PSU)ACCUG A
2 'polyribonucleotide' GGAGUAAGUCU B
#
loop_
_chem_comp.id
_chem_comp.type
_chem_comp.name
_chem_comp.formula
A RNA linking ADENOSINE-5'-MONOPHOSPHATE 'C10 H14 N5 O7 P'
C RNA linking CYTIDINE-5'-MONOPHOSPHATE 'C9 H14 N3 O8 P'
G RNA linking GUANOSINE-5'-MONOPHOSPHATE 'C10 H14 N5 O8 P'
GDZ non-polymer 2-(8-fluoranyl-2-methyl-imidazo[1,2-a]pyridin-6-yl)-7-(4-methylpiperazin-1-yl)pyrido[1,2-a]pyrimidin-4-one 'C21 H21 F N6 O'
PSU RNA linking PSEUDOURIDINE-5'-MONOPHOSPHATE 'C9 H13 N2 O9 P'
U RNA linking URIDINE-5'-MONOPHOSPHATE 'C9 H13 N2 O9 P'
#
# COMPACT_ATOMS: atom_id res chain seq x y z
N1 PSU A 5 -3.45 2.28 -5.52
C2 PSU A 5 -3.96 3.32 -4.79
N3 PSU A 5 -3.27 4.50 -4.87
C4 PSU A 5 -2.14 4.71 -5.63
C5 PSU A 5 -1.68 3.56 -6.37
C6 PSU A 5 -2.35 2.39 -6.28
O2 PSU A 5 -4.97 3.20 -4.10
O4 PSU A 5 -1.60 5.82 -5.64
C1' PSU A 5 -0.46 3.67 -7.27
C2' PSU A 5 0.83 3.43 -6.47
O2' PSU A 5 1.85 4.21 -7.06
C3' PSU A 5 1.04 1.94 -6.71
C4' PSU A 5 0.65 1.86 -8.18
O3' PSU A 5 2.37 1.53 -6.44
O4' PSU A 5 -0.50 2.68 -8.28
C5' PSU A 5 0.36 0.44 -8.68
O5' PSU A 5 -0.63 -0.19 -7.89
P PSU A 5 -1.20 -1.64 -8.28
OP1 PSU A 5 -0.05 -2.52 -8.53
OP2 PSU A 5 -2.22 -2.02 -7.25
HN1 PSU A 5 -3.93 1.39 -5.47
HN3 PSU A 5 -3.61 5.28 -4.32
H6 PSU A 5 -2.02 1.52 -6.83
H1' PSU A 5 -0.43 4.66 -7.71
H2' PSU A 5 0.72 3.67 -5.41
HO2' PSU A 5 1.68 5.13 -6.85
H3' PSU A 5 0.34 1.36 -6.12
H4' PSU A 5 1.45 2.30 -8.77
H5' PSU A 5 0.03 0.49 -9.72
H5'' PSU A 5 1.28 -0.14 -8.64
N1 PSU A 6 -1.30 2.88 -2.33
C2 PSU A 6 -2.28 3.34 -1.49
N3 PSU A 6 -2.05 4.60 -0.97
C4 PSU A 6 -0.94 5.39 -1.20
C5 PSU A 6 0.03 4.79 -2.09
C6 PSU A 6 -0.18 3.57 -2.62
O2 PSU A 6 -3.29 2.70 -1.24
O4 PSU A 6 -0.85 6.49 -0.68
C1' PSU A 6 1.30 5.55 -2.42
C2' PSU A 6 2.33 5.35 -1.31
O2' PSU A 6 3.13 6.50 -1.22
C3' PSU A 6 3.12 4.16 -1.85
C4' PSU A 6 3.17 4.56 -3.33
O3' PSU A 6 4.41 4.02 -1.26
O4' PSU A 6 1.87 5.06 -3.61
C5' PSU A 6 3.54 3.39 -4.25
O5' PSU A 6 2.67 2.29 -4.05
P PSU A 6 2.78 0.99 -4.99
OP1 PSU A 6 4.20 0.58 -5.03
OP2 PSU A 6 1.76 0.02 -4.54
HN1 PSU A 6 -1.45 1.97 -2.76
HN3 PSU A 6 -2.76 4.97 -0.34
H6 PSU A 6 0.55 3.12 -3.28
H1' PSU A 6 1.08 6.61 -2.52
H2' PSU A 6 1.86 5.11 -0.35
HO2' PSU A 6 2.60 7.23 -0.87
H3' PSU A 6 2.55 3.25 -1.75
H4' PSU A 6 3.88 5.36 -3.46
H5' PSU A 6 3.49 3.72 -5.28
H5'' PSU A 6 4.56 3.08 -4.02
C24 GDZ C . 3.48 -0.79 5.64
C23 GDZ C . 4.18 -0.62 6.98
N28 GDZ C . 5.41 -1.43 7.09
C29 GDZ C . 6.06 -1.25 8.39
C27 GDZ C . 5.08 -2.86 6.88
C26 GDZ C . 4.41 -3.10 5.52
N25 GDZ C . 3.24 -2.21 5.33
C13 GDZ C . 2.06 -2.67 4.89
C14 GDZ C . 0.83 -2.33 5.56
C12 GDZ C . 1.97 -3.51 3.77
C17 GDZ C . 0.73 -4.02 3.37
C16 GDZ C . -0.44 -3.72 4.08
N18 GDZ C . -1.55 -4.30 3.59
N15 GDZ C . -0.38 -2.86 5.19
C21 GDZ C . -1.57 -2.64 5.86
O22 GDZ C . -1.57 -1.91 6.86
C20 GDZ C . -2.77 -3.25 5.39
C19 GDZ C . -2.72 -4.10 4.24
C1 GDZ C . -3.88 -4.79 3.72
C7 GDZ C . -5.08 -4.69 4.35
C2 GDZ C . -3.81 -5.60 2.53
C3 GDZ C . -4.96 -6.27 2.03
F4 GDZ C . -4.88 -7.02 0.93
C5 GDZ C . -6.17 -6.13 2.74
N11 GDZ C . -7.44 -6.67 2.49
N6 GDZ C . -6.16 -5.36 3.87
C8 GDZ C . -7.43 -5.39 4.41
C9 GDZ C . -8.22 -6.21 3.56
C10 GDZ C . -9.67 -6.55 3.76
H24B GDZ C . 2.54 -0.24 5.65
H24A GDZ C . 4.12 -0.37 4.86
H23A GDZ C . 3.49 -0.90 7.78
H23B GDZ C . 4.45 0.44 7.11
H29A GDZ C . 5.39 -1.55 9.19
H29C GDZ C . 6.33 -0.19 8.52
H29B GDZ C . 6.97 -1.85 8.44
H27A GDZ C . 5.98 -3.46 6.93
H27B GDZ C . 4.39 -3.18 7.66
H26A GDZ C . 5.13 -2.89 4.72
H26B GDZ C . 4.10 -4.14 5.44
H14 GDZ C . 0.82 -1.62 6.37
H12 GDZ C . 2.86 -3.76 3.23
H17 GDZ C . 0.67 -4.67 2.50
H20 GDZ C . -3.69 -3.04 5.92
H7 GDZ C . -5.19 -4.10 5.25
H2 GDZ C . -2.88 -5.70 2.00
H8 GDZ C . -7.68 -4.85 5.31
H10C GDZ C . -9.89 -7.51 3.26
H10B GDZ C . -10.29 -5.78 3.33
H10A GDZ C . -9.87 -6.65 4.82
N1 PSU A 5 -3.16 2.11 -5.39
C2 PSU A 5 -3.71 3.16 -4.69
N3 PSU A 5 -3.04 4.36 -4.78
C4 PSU A 5 -1.90 4.58 -5.52
C5 PSU A 5 -1.42 3.41 -6.24
C6 PSU A 5 -2.06 2.23 -6.14
O2 PSU A 5 -4.74 3.04 -4.01
O4 PSU A 5 -1.38 5.68 -5.53
C1' PSU A 5 -0.17 3.52 -7.10
C2' PSU A 5 1.10 3.31 -6.28
O2' PSU A 5 2.13 4.09 -6.85
C3' PSU A 5 1.34 1.82 -6.49
C4' PSU A 5 0.98 1.73 -7.97
O3' PSU A 5 2.68 1.43 -6.20
O4' PSU A 5 -0.20 2.52 -8.10
C5' PSU A 5 0.72 0.29 -8.45
O5' PSU A 5 -0.26 -0.33 -7.64
P PSU A 5 -0.81 -1.80 -8.00
OP1 PSU A 5 0.35 -2.69 -8.24
OP2 PSU A 5 -1.81 -2.18 -6.98
HN1 PSU A 5 -3.64 1.22 -5.34
HN3 PSU A 5 -3.41 5.14 -4.27
H6 PSU A 5 -1.69 1.36 -6.66
H1' PSU A 5 -0.14 4.51 -7.56
H2' PSU A 5 0.96 3.55 -5.23
HO2' PSU A 5 1.96 5.01 -6.66
H3' PSU A 5 0.64 1.24 -5.91
H4' PSU A 5 1.77 2.17 -8.56
H5' PSU A 5 0.41 0.31 -9.49
H5'' PSU A 5 1.65 -0.28 -8.37
N1 PSU A 6 -1.12 2.76 -2.18
C2 PSU A 6 -2.13 3.21 -1.37
N3 PSU A 6 -1.94 4.47 -0.85
C4 PSU A 6 -0.83 5.27 -1.05
C5 PSU A 6 0.17 4.69 -1.92
C6 PSU A 6 -0.01 3.46 -2.45
O2 PSU A 6 -3.14 2.56 -1.14
O4 PSU A 6 -0.77 6.37 -0.52
C1' PSU A 6 1.43 5.46 -2.21
C2' PSU A 6 2.45 5.29 -1.08
O2' PSU A 6 3.23 6.46 -0.99
C3' PSU A 6 3.27 4.11 -1.60
C4' PSU A 6 3.34 4.50 -3.07
O3' PSU A 6 4.53 3.99 -0.97
O4' PSU A 6 2.05 4.98 -3.40
C5' PSU A 6 3.76 3.33 -3.97
O5' PSU A 6 2.91 2.22 -3.80
P PSU A 6 3.05 0.91 -4.72
OP1 PSU A 6 4.49 0.51 -4.73
OP2 PSU A 6 2.03 -0.07 -4.30
HN1 PSU A 6 -1.24 1.84 -2.59
HN3 PSU A 6 -2.66 4.84 -0.24
H6 PSU A 6 0.73 3.02 -3.09
H1' PSU A 6 1.19 6.52 -2.34
H2' PSU A 6 1.96 5.05 -0.13
HO2' PSU A 6 2.68 7.17 -0.66
H3' PSU A 6 2.69 3.19 -1.50
H4' PSU A 6 4.05 5.31 -3.19
H5' PSU A 6 3.73 3.67 -5.02
H5'' PSU A 6 4.78 3.04 -3.72
C24 GDZ C . 3.48 -0.76 5.97
C23 GDZ C . 4.12 -0.52 7.35
N28 GDZ C . 5.36 -1.29 7.51
C29 GDZ C . 5.96 -1.04 8.84
C27 GDZ C . 5.10 -2.73 7.32
C26 GDZ C . 4.50 -3.01 5.94
N25 GDZ C . 3.29 -2.20 5.70
C13 GDZ C . 2.14 -2.72 5.27
C14 GDZ C . 0.89 -2.35 5.87
C12 GDZ C . 2.11 -3.66 4.24
C17 GDZ C . 0.88 -4.22 3.83
C16 GDZ C . -0.32 -3.86 4.47
N18 GDZ C . -1.40 -4.48 3.98
N15 GDZ C . -0.31 -2.92 5.51
C21 GDZ C . -1.51 -2.68 6.12
O22 GDZ C . -1.55 -1.90 7.08
C20 GDZ C . -2.70 -3.32 5.63
C19 GDZ C . -2.60 -4.24 4.54
C1 GDZ C . -3.75 -4.93 4.00
C7 GDZ C . -4.97 -4.80 4.58
C2 GDZ C . -3.62 -5.79 2.86
C3 GDZ C . -4.73 -6.47 2.34
F4 GDZ C . -4.61 -7.27 1.26
C5 GDZ C . -5.98 -6.30 2.97
N11 GDZ C . -7.24 -6.85 2.68
N6 GDZ C . -6.03 -5.47 4.06
C8 GDZ C . -7.32 -5.46 4.53
C9 GDZ C . -8.08 -6.32 3.68
C10 GDZ C . -9.54 -6.64 3.81
H24B GDZ C . 2.52 -0.25 5.92
H24A GDZ C . 4.15 -0.35 5.21
H23A GDZ C . 3.40 -0.82 8.11
H23B GDZ C . 4.32 0.54 7.46
H29A GDZ C . 6.90 -1.59 8.93
H29C GDZ C . 5.28 -1.39 9.63
H29B GDZ C . 6.15 0.02 8.98
H27A GDZ C . 6.03 -3.29 7.42
H27B GDZ C . 4.40 -3.08 8.08
H26A GDZ C . 5.24 -2.78 5.17
H26B GDZ C . 4.25 -4.08 5.87
H14 GDZ C . 0.84 -1.60 6.64
H12 GDZ C . 3.02 -3.96 3.74
H17 GDZ C . 0.87 -4.93 3.03
H20 GDZ C . -3.64 -3.08 6.12
H7 GDZ C . -5.13 -4.16 5.44
H2 GDZ C . -2.66 -5.92 2.37
H8 GDZ C . -7.61 -4.88 5.39
H10C GDZ C . -9.78 -6.78 4.86
H10B GDZ C . -9.76 -7.55 3.26
H10A GDZ C . -10.13 -5.82 3.40
N1 PSU A 5 -3.41 1.80 -5.22
C2 PSU A 5 -3.94 2.88 -4.53
N3 PSU A 5 -3.26 4.06 -4.68
C4 PSU A 5 -2.13 4.26 -5.46
C5 PSU A 5 -1.67 3.07 -6.15
C6 PSU A 5 -2.33 1.89 -6.00
O2 PSU A 5 -4.94 2.78 -3.83
O4 PSU A 5 -1.61 5.37 -5.51
C1' PSU A 5 -0.45 3.16 -7.04
C2' PSU A 5 0.84 2.92 -6.25
O2' PSU A 5 1.87 3.67 -6.86
C3' PSU A 5 1.04 1.43 -6.44
C4' PSU A 5 0.64 1.30 -7.91
O3' PSU A 5 2.37 1.03 -6.16
O4' PSU A 5 -0.50 2.14 -8.03
C5' PSU A 5 0.34 -0.12 -8.37
O5' PSU A 5 -0.67 -0.70 -7.56
P PSU A 5 -1.26 -2.16 -7.92
OP1 PSU A 5 -0.13 -3.08 -8.14
OP2 PSU A 5 -2.29 -2.49 -6.90
HN1 PSU A 5 -3.88 0.92 -5.12
HN3 PSU A 5 -3.61 4.86 -4.19
H6 PSU A 5 -1.98 1.01 -6.51
H1' PSU A 5 -0.42 4.13 -7.51
H2' PSU A 5 0.71 3.18 -5.20
HO2' PSU A 5 1.73 4.60 -6.65
H3' PSU A 5 0.33 0.87 -5.83
H4' PSU A 5 1.45 1.73 -8.51
H5' PSU A 5 0.01 -0.11 -9.41
H5'' PSU A 5 1.25 -0.71 -8.29
N1 PSU A 6 -1.30 2.53 -2.11
C2 PSU A 6 -2.30 3.04 -1.31
N3 PSU A 6 -2.05 4.30 -0.81
C4 PSU A 6 -0.93 5.06 -1.06
C5 PSU A 6 0.04 4.43 -1.91
C6 PSU A 6 -0.17 3.20 -2.40
O2 PSU A 6 -3.32 2.42 -1.04
O4 PSU A 6 -0.82 6.19 -0.57
C1' PSU A 6 1.33 5.15 -2.26
C2' PSU A 6 2.36 4.99 -1.15
O2' PSU A 6 3.18 6.15 -1.11
C3' PSU A 6 3.15 3.79 -1.65
C4' PSU A 6 3.20 4.13 -3.14
O3' PSU A 6 4.44 3.67 -1.07
O4' PSU A 6 1.90 4.62 -3.43
C5' PSU A 6 3.55 2.93 -4.02
O5' PSU A 6 2.69 1.84 -3.80
P PSU A 6 2.78 0.51 -4.70
OP1 PSU A 6 4.21 0.09 -4.75
OP2 PSU A 6 1.75 -0.43 -4.23
HN1 PSU A 6 -1.46 1.60 -2.49
HN3 PSU A 6 -2.75 4.70 -0.21
H6 PSU A 6 0.55 2.72 -3.04
H1' PSU A 6 1.12 6.22 -2.40
H2' PSU A 6 1.91 4.78 -0.18
HO2' PSU A 6 2.65 6.87 -0.74
H3' PSU A 6 2.57 2.87 -1.51
H4' PSU A 6 3.91 4.92 -3.30
H5' PSU A 6 3.50 3.24 -5.07
H5'' PSU A 6 4.57 2.64 -3.81
C24 GDZ C . 4.12 -3.36 7.02
C23 GDZ C . 5.55 -2.82 6.99
N28 GDZ C . 5.62 -1.48 7.61
C29 GDZ C . 7.02 -1.00 7.66
C27 GDZ C . 4.80 -0.56 6.81
C26 GDZ C . 3.32 -0.98 6.77
N25 GDZ C . 3.11 -2.41 6.49
C13 GDZ C . 1.99 -2.86 5.89
C14 GDZ C . 0.70 -2.43 6.35
C12 GDZ C . 2.03 -3.75 4.81
C17 GDZ C . 0.84 -4.26 4.28
C16 GDZ C . -0.41 -3.89 4.81
N18 GDZ C . -1.47 -4.50 4.24
N15 GDZ C . -0.46 -2.98 5.88
C21 GDZ C . -1.72 -2.71 6.38
O22 GDZ C . -1.81 -1.92 7.33
C20 GDZ C . -2.87 -3.34 5.82
C19 GDZ C . -2.70 -4.26 4.73
C1 GDZ C . -3.81 -4.95 4.13
C7 GDZ C . -5.05 -4.84 4.65
C2 GDZ C . -3.63 -5.80 2.98
C3 GDZ C . -4.70 -6.49 2.41
F4 GDZ C . -4.54 -7.27 1.34
C5 GDZ C . -5.98 -6.34 3.00
N11 GDZ C . -7.23 -6.91 2.65
N6 GDZ C . -6.09 -5.52 4.09
C8 GDZ C . -7.39 -5.55 4.52
C9 GDZ C . -8.09 -6.42 3.63
C10 GDZ C . -9.55 -6.79 3.71
H24B GDZ C . 4.09 -4.30 6.45
H24A GDZ C . 3.87 -3.59 8.05
H23A GDZ C . 5.88 -2.76 5.96
H23B GDZ C . 6.19 -3.51 7.53
H29A GDZ C . 7.42 -0.95 6.65
H29C GDZ C . 7.61 -1.69 8.26
H29B GDZ C . 7.05 -0.01 8.12
H27A GDZ C . 4.86 0.44 7.23
H27B GDZ C . 5.18 -0.54 5.79
H26A GDZ C . 2.89 -0.75 7.74
H26B GDZ C . 2.81 -0.37 6.02
H14 GDZ C . 0.60 -1.67 7.10
H12 GDZ C . 2.98 -4.07 4.40
H17 GDZ C . 0.88 -4.94 3.45
H20 GDZ C . -3.82 -3.10 6.25
H7 GDZ C . -5.26 -4.21 5.51
H2 GDZ C . -2.64 -5.91 2.54
H8 GDZ C . -7.73 -4.98 5.36
H10C GDZ C . -10.15 -5.99 3.27
H10B GDZ C . -9.84 -6.92 4.75
H10A GDZ C . -9.72 -7.72 3.18
N1 PSU A 5 -2.67 2.18 -5.25
C2 PSU A 5 -3.24 3.19 -4.52
N3 PSU A 5 -2.55 4.39 -4.55
C4 PSU A 5 -1.39 4.64 -5.22
C5 PSU A 5 -0.86 3.50 -5.94
C6 PSU A 5 -1.51 2.32 -5.93
O2 PSU A 5 -4.28 3.05 -3.91
O4 PSU A 5 -0.87 5.75 -5.18
C1' PSU A 5 0.43 3.64 -6.73
C2' PSU A 5 1.66 3.45 -5.83
O2' PSU A 5 2.71 4.23 -6.37
C3' PSU A 5 1.94 1.96 -6.02
C4' PSU A 5 1.66 1.84 -7.52
O3' PSU A 5 3.25 1.59 -5.64
O4' PSU A 5 0.51 2.64 -7.74
C5' PSU A 5 1.46 0.41 -8.00
O5' PSU A 5 0.40 -0.22 -7.30
P PSU A 5 -0.09 -1.69 -7.70
OP1 PSU A 5 1.11 -2.56 -7.82
OP2 PSU A 5 -1.19 -2.09 -6.79
HN1 PSU A 5 -3.15 1.29 -5.26
HN3 PSU A 5 -2.97 5.16 -4.03
H6 PSU A 5 -1.12 1.47 -6.46
H1' PSU A 5 0.47 4.62 -7.19
H2' PSU A 5 1.47 3.70 -4.79
HO2' PSU A 5 3.53 4.01 -5.90
H3' PSU A 5 1.19 1.37 -5.48
H4' PSU A 5 2.50 2.30 -8.05
H5' PSU A 5 1.24 0.42 -9.07
H5'' PSU A 5 2.38 -0.17 -7.85
N1 PSU A 6 -0.73 2.89 -1.79
C2 PSU A 6 -1.77 3.33 -1.00
N3 PSU A 6 -1.60 4.58 -0.45
C4 PSU A 6 -0.50 5.39 -0.61
C5 PSU A 6 0.54 4.83 -1.46
C6 PSU A 6 0.38 3.61 -2.01
O2 PSU A 6 -2.78 2.66 -0.81
O4 PSU A 6 -0.46 6.48 -0.07
C1' PSU A 6 1.81 5.63 -1.70
C2' PSU A 6 2.78 5.46 -0.54
O2' PSU A 6 3.56 6.64 -0.43
C3' PSU A 6 3.64 4.30 -1.03
C4' PSU A 6 3.75 4.68 -2.50
O3' PSU A 6 4.88 4.20 -0.36
O4' PSU A 6 2.46 5.15 -2.87
C5' PSU A 6 4.21 3.51 -3.38
O5' PSU A 6 3.36 2.40 -3.24
P PSU A 6 3.55 1.08 -4.15
OP1 PSU A 6 4.98 0.68 -4.09
OP2 PSU A 6 2.51 0.10 -3.77
HN1 PSU A 6 -0.82 1.98 -2.22
HN3 PSU A 6 -2.34 4.92 0.14
H6 PSU A 6 1.17 3.19 -2.64
H1' PSU A 6 1.56 6.68 -1.82
H2' PSU A 6 2.26 5.22 0.39
HO2' PSU A 6 4.24 6.49 0.21
H3' PSU A 6 3.07 3.36 -0.95
H4' PSU A 6 4.46 5.51 -2.59
H5' PSU A 6 4.24 3.84 -4.42
H5'' PSU A 6 5.21 3.23 -3.07
C24 GDZ C . 4.56 -2.87 6.40
C23 GDZ C . 5.12 -2.61 7.81
N28 GDZ C . 5.35 -1.17 8.05
C29 GDZ C . 5.89 -0.97 9.40
C27 GDZ C . 4.10 -0.42 7.86
C26 GDZ C . 3.53 -0.61 6.46
N25 GDZ C . 3.36 -2.05 6.14
C13 GDZ C . 2.22 -2.56 5.64
C14 GDZ C . 0.96 -2.25 6.24
C12 GDZ C . 2.23 -3.41 4.53
C17 GDZ C . 1.03 -3.95 4.06
C16 GDZ C . -0.19 -3.66 4.68
N18 GDZ C . -1.26 -4.27 4.13
N15 GDZ C . -0.22 -2.81 5.81
C21 GDZ C . -1.46 -2.62 6.38
O22 GDZ C . -1.52 -1.91 7.39
C20 GDZ C . -2.61 -3.25 5.83
C19 GDZ C . -2.47 -4.08 4.68
C1 GDZ C . -3.59 -4.75 4.07
C7 GDZ C . -4.83 -4.64 4.59
C2 GDZ C . -3.42 -5.57 2.88
C3 GDZ C . -4.51 -6.22 2.30
F4 GDZ C . -4.35 -6.97 1.19
C5 GDZ C . -5.78 -6.09 2.89
N11 GDZ C . -7.03 -6.62 2.53
N6 GDZ C . -5.87 -5.30 4.01
C8 GDZ C . -7.18 -5.31 4.43
C9 GDZ C . -7.90 -6.14 3.52
C10 GDZ C . -9.37 -6.47 3.58
H24B GDZ C . 5.32 -2.62 5.66
H24A GDZ C . 4.31 -3.93 6.31
H23A GDZ C . 6.06 -3.16 7.91
H23B GDZ C . 4.42 -2.99 8.54
H29A GDZ C . 6.85 -1.50 9.52
H29C GDZ C . 5.19 -1.33 10.16
H29B GDZ C . 6.08 0.10 9.57
H27A GDZ C . 3.36 -0.76 8.59
H27B GDZ C . 4.28 0.65 8.02
H26A GDZ C . 2.57 -0.10 6.38
H26B GDZ C . 4.21 -0.18 5.73
H14 GDZ C . 0.88 -1.56 7.06
H12 GDZ C . 3.16 -3.65 4.04
H17 GDZ C . 1.05 -4.60 3.20
H20 GDZ C . -3.56 -3.05 6.31
H7 GDZ C . -5.03 -4.04 5.47
H2 GDZ C . -2.45 -5.67 2.43
H8 GDZ C . -7.51 -4.77 5.30
H10C GDZ C . -9.56 -7.37 3.00
H10B GDZ C . -9.94 -5.65 3.17
H10A GDZ C . -9.64 -6.64 4.61
N1 PSU A 5 -3.33 1.93 -5.36
C2 PSU A 5 -3.86 2.98 -4.64
N3 PSU A 5 -3.18 4.18 -4.75
C4 PSU A 5 -2.06 4.38 -5.51
C5 PSU A 5 -1.60 3.24 -6.24
C6 PSU A 5 -2.25 2.05 -6.13
O2 PSU A 5 -4.86 2.86 -3.94
O4 PSU A 5 -1.54 5.50 -5.54
C1' PSU A 5 -0.37 3.34 -7.12
C2' PSU A 5 0.91 3.12 -6.33
O2' PSU A 5 1.93 3.91 -6.90
C3' PSU A 5 1.16 1.63 -6.55
C4' PSU A 5 0.77 1.54 -8.01
O3' PSU A 5 2.49 1.24 -6.27
O4' PSU A 5 -0.39 2.33 -8.14
C5' PSU A 5 0.52 0.10 -8.51
O5' PSU A 5 -0.47 -0.53 -7.73
P PSU A 5 -1.00 -2.00 -8.11
OP1 PSU A 5 0.17 -2.88 -8.33
OP2 PSU A 5 -2.02 -2.40 -7.10
HN1 PSU A 5 -3.81 1.05 -5.29
HN3 PSU A 5 -3.55 4.95 -4.22
H6 PSU A 5 -1.90 1.18 -6.67
H1' PSU A 5 -0.35 4.32 -7.59
H2' PSU A 5 0.79 3.35 -5.27
HO2' PSU A 5 1.75 4.83 -6.71
H3' PSU A 5 0.46 1.05 -5.95
H4' PSU A 5 1.57 1.98 -8.61
H5' PSU A 5 0.21 0.13 -9.55
H5'' PSU A 5 1.46 -0.45 -8.42
N1 PSU A 6 -1.23 2.58 -2.13
C2 PSU A 6 -2.22 3.07 -1.30
N3 PSU A 6 -2.02 4.33 -0.81
C4 PSU A 6 -0.92 5.13 -1.07
C5 PSU A 6 0.05 4.53 -1.94
C6 PSU A 6 -0.13 3.29 -2.44
O2 PSU A 6 -3.22 2.42 -1.01
O4 PSU A 6 -0.86 6.25 -0.57
C1' PSU A 6 1.31 5.30 -2.29
C2' PSU A 6 2.36 5.15 -1.19
O2' PSU A 6 3.13 6.33 -1.14
C3' PSU A 6 3.18 3.97 -1.71
C4' PSU A 6 3.21 4.33 -3.19
O3' PSU A 6 4.45 3.89 -1.10
O4' PSU A 6 1.90 4.80 -3.48
C5' PSU A 6 3.61 3.16 -4.09
O5' PSU A 6 2.76 2.04 -3.89
P PSU A 6 2.90 0.72 -4.80
OP1 PSU A 6 4.33 0.33 -4.84
OP2 PSU A 6 1.89 -0.27 -4.36
HN1 PSU A 6 -1.35 1.66 -2.50
HN3 PSU A 6 -2.73 4.72 -0.20
H6 PSU A 6 0.60 2.85 -3.10
H1' PSU A 6 1.07 6.36 -2.41
H2' PSU A 6 1.91 4.93 -0.22
HO2' PSU A 6 3.90 6.18 -0.59
H3' PSU A 6 2.63 3.04 -1.56
H4' PSU A 6 3.92 5.14 -3.33
H5' PSU A 6 3.57 3.47 -5.13
H5'' PSU A 6 4.63 2.88 -3.85
C24 GDZ C . 4.46 -3.10 5.77
C23 GDZ C . 5.09 -2.83 7.14
N28 GDZ C . 5.38 -1.39 7.32
C29 GDZ C . 6.01 -1.16 8.64
C27 GDZ C . 4.15 -0.59 7.17
C26 GDZ C . 3.50 -0.81 5.80
N25 GDZ C . 3.27 -2.25 5.54
C13 GDZ C . 2.10 -2.76 5.12
C14 GDZ C . 0.87 -2.43 5.78
C12 GDZ C . 2.03 -3.62 4.02
C17 GDZ C . 0.79 -4.15 3.62
C16 GDZ C . -0.39 -3.84 4.32
N18 GDZ C . -1.50 -4.43 3.83
N15 GDZ C . -0.34 -2.99 5.43
C21 GDZ C . -1.51 -2.79 6.12
O22 GDZ C . -1.50 -2.09 7.12
C20 GDZ C . -2.72 -3.41 5.64
C19 GDZ C . -2.67 -4.24 4.47
C1 GDZ C . -3.83 -4.90 3.94
C7 GDZ C . -5.03 -4.81 4.58
C2 GDZ C . -3.76 -5.69 2.74
C3 GDZ C . -4.90 -6.35 2.23
F4 GDZ C . -4.82 -7.08 1.11
C5 GDZ C . -6.11 -6.22 2.93
N11 GDZ C . -7.38 -6.76 2.66
N6 GDZ C . -6.11 -5.46 4.07
C8 GDZ C . -7.38 -5.48 4.59
C9 GDZ C . -8.18 -6.30 3.74
C10 GDZ C . -9.62 -6.64 3.91
H24B GDZ C . 5.20 -2.90 4.99
H24A GDZ C . 4.18 -4.16 5.72
H23A GDZ C . 6.01 -3.40 7.22
H23B GDZ C . 4.40 -3.15 7.92
H29A GDZ C . 6.23 -0.10 8.76
H29C GDZ C . 6.94 -1.71 8.70
H29B GDZ C . 5.33 -1.49 9.43
H27A GDZ C . 3.44 -0.87 7.94
H27B GDZ C . 4.38 0.47 7.27
H26A GDZ C . 2.55 -0.28 5.76
H26B GDZ C . 4.15 -0.42 5.02
H14 GDZ C . 0.86 -1.72 6.60
H12 GDZ C . 2.92 -3.88 3.48
H17 GDZ C . 0.75 -4.80 2.76
H20 GDZ C . -3.63 -3.21 6.18
H7 GDZ C . -5.15 -4.24 5.49
H2 GDZ C . -2.83 -5.79 2.21
H8 GDZ C . -7.64 -4.96 5.50
H10C GDZ C . -9.86 -7.53 3.32
H10B GDZ C . -10.24 -5.80 3.57
H10A GDZ C . -9.83 -6.84 4.96
N1 PSU A 5 -2.99 1.97 -5.31
C2 PSU A 5 -3.57 3.04 -4.66
N3 PSU A 5 -2.91 4.24 -4.80
C4 PSU A 5 -1.76 4.44 -5.53
C5 PSU A 5 -1.24 3.26 -6.18
C6 PSU A 5 -1.88 2.08 -6.04
O2 PSU A 5 -4.59 2.94 -3.99
O4 PSU A 5 -1.27 5.56 -5.60
C1' PSU A 5 0.01 3.34 -7.02
C2' PSU A 5 1.27 3.12 -6.17
O2' PSU A 5 2.31 3.88 -6.75
C3' PSU A 5 1.50 1.63 -6.33
C4' PSU A 5 1.16 1.50 -7.81
O3' PSU A 5 2.82 1.26 -6.00
O4' PSU A 5 0.02 2.32 -8.01
C5' PSU A 5 0.89 0.07 -8.28
O5' PSU A 5 -0.12 -0.53 -7.50
P PSU A 5 -0.67 -2.00 -7.87
OP1 PSU A 5 0.49 -2.90 -8.07
OP2 PSU A 5 -1.71 -2.37 -6.87
HN1 PSU A 5 -3.45 1.08 -5.22
HN3 PSU A 5 -3.30 5.04 -4.32
H6 PSU A 5 -1.49 1.18 -6.51
H1' PSU A 5 0.07 4.32 -7.50
H2' PSU A 5 1.11 3.40 -5.13
HO2' PSU A 5 3.14 3.62 -6.33
H3' PSU A 5 0.78 1.08 -5.74
H4' PSU A 5 1.98 1.92 -8.39
H5' PSU A 5 0.59 0.09 -9.33
H5'' PSU A 5 1.81 -0.51 -8.18
N1 PSU A 6 -1.02 2.67 -2.10
C2 PSU A 6 -2.07 3.14 -1.32
N3 PSU A 6 -1.89 4.40 -0.81
C4 PSU A 6 -0.79 5.21 -1.00
C5 PSU A 6 0.25 4.61 -1.82
C6 PSU A 6 0.09 3.37 -2.33
O2 PSU A 6 -3.08 2.49 -1.10
O4 PSU A 6 -0.74 6.32 -0.49
C1' PSU A 6 1.52 5.38 -2.09
C2' PSU A 6 2.52 5.22 -0.94
O2' PSU A 6 3.29 6.40 -0.88
C3' PSU A 6 3.35 4.04 -1.43
C4' PSU A 6 3.44 4.39 -2.91
O3' PSU A 6 4.60 3.96 -0.79
O4' PSU A 6 2.15 4.86 -3.26
C5' PSU A 6 3.86 3.21 -3.78
O5' PSU A 6 3.01 2.09 -3.61
P PSU A 6 3.18 0.77 -4.51
OP1 PSU A 6 4.60 0.38 -4.48
OP2 PSU A 6 2.15 -0.21 -4.08
HN1 PSU A 6 -1.14 1.75 -2.48
HN3 PSU A 6 -2.63 4.78 -0.24
H6 PSU A 6 0.86 2.92 -2.95
H1' PSU A 6 1.30 6.44 -2.23
H2' PSU A 6 2.02 5.01 0.00
HO2' PSU A 6 4.04 6.25 -0.29
H3' PSU A 6 2.79 3.10 -1.31
H4' PSU A 6 4.15 5.20 -3.04
H5' PSU A 6 3.85 3.51 -4.83
H5'' PSU A 6 4.88 2.93 -3.53
C24 GDZ C . 4.42 -2.98 6.02
C23 GDZ C . 5.04 -2.73 7.40
N28 GDZ C . 5.30 -1.29 7.62
C29 GDZ C . 5.90 -1.08 8.96
C27 GDZ C . 4.03 -0.54 7.51
C26 GDZ C . 3.38 -0.73 6.14
N25 GDZ C . 3.20 -2.16 5.82
C13 GDZ C . 2.05 -2.69 5.37
C14 GDZ C . 0.80 -2.35 5.99
C12 GDZ C . 2.03 -3.58 4.29
C17 GDZ C . 0.81 -4.13 3.87
C16 GDZ C . -0.40 -3.82 4.53
N18 GDZ C . -1.48 -4.44 4.02
N15 GDZ C . -0.39 -2.93 5.61
C21 GDZ C . -1.61 -2.71 6.22
O22 GDZ C . -1.65 -1.96 7.20
C20 GDZ C . -2.79 -3.34 5.72
C19 GDZ C . -2.68 -4.23 4.61
C1 GDZ C . -3.82 -4.92 4.04
C7 GDZ C . -5.04 -4.79 4.61
C2 GDZ C . -3.69 -5.77 2.88
C3 GDZ C . -4.81 -6.46 2.36
F4 GDZ C . -4.69 -7.24 1.28
C5 GDZ C . -6.04 -6.28 3.00
N11 GDZ C . -7.31 -6.83 2.69
N6 GDZ C . -6.10 -5.46 4.10
C8 GDZ C . -7.39 -5.46 4.56
C9 GDZ C . -8.14 -6.32 3.70
C10 GDZ C . -9.60 -6.66 3.82
H24B GDZ C . 5.14 -2.74 5.25
H24A GDZ C . 4.16 -4.04 5.94
H23A GDZ C . 5.97 -3.29 7.47
H23B GDZ C . 4.36 -3.09 8.16
H29A GDZ C . 6.85 -1.64 9.02
H29C GDZ C . 5.23 -1.43 9.73
H29B GDZ C . 6.11 -0.02 9.10
H27A GDZ C . 3.33 -0.88 8.27
H27B GDZ C . 4.23 0.53 7.66
H26A GDZ C . 2.42 -0.22 6.12
H26B GDZ C . 4.02 -0.28 5.38
H14 GDZ C . 0.75 -1.63 6.78
H12 GDZ C . 2.94 -3.84 3.79
H17 GDZ C . 0.80 -4.81 3.03
H20 GDZ C . -3.72 -3.13 6.22
H7 GDZ C . -5.20 -4.17 5.47
H2 GDZ C . -2.73 -5.89 2.40
H8 GDZ C . -7.69 -4.89 5.43
H10C GDZ C . -10.19 -5.81 3.49
H10B GDZ C . -9.83 -6.86 4.87
H10A GDZ C . -9.83 -7.53 3.22
N1 PSU A 5 -3.13 2.05 -5.38
C2 PSU A 5 -3.73 3.09 -4.70
N3 PSU A 5 -3.12 4.31 -4.84
C4 PSU A 5 -1.99 4.57 -5.58
C5 PSU A 5 -1.44 3.42 -6.26
C6 PSU A 5 -2.04 2.20 -6.12
O2 PSU A 5 -4.74 2.94 -4.02
O4 PSU A 5 -1.53 5.71 -5.63
C1' PSU A 5 -0.22 3.57 -7.13
C2' PSU A 5 1.07 3.40 -6.31
O2' PSU A 5 2.07 4.20 -6.91
C3' PSU A 5 1.37 1.91 -6.52
C4' PSU A 5 0.99 1.80 -7.99
O3' PSU A 5 2.72 1.57 -6.24
O4' PSU A 5 -0.19 2.56 -8.13
C5' PSU A 5 0.79 0.36 -8.46
O5' PSU A 5 -0.17 -0.31 -7.67
P PSU A 5 -0.66 -1.80 -8.03
OP1 PSU A 5 0.53 -2.63 -8.27
OP2 PSU A 5 -1.65 -2.21 -7.01
HN1 PSU A 5 -3.56 1.14 -5.29
HN3 PSU A 5 -3.53 5.09 -4.34
H6 PSU A 5 -1.63 1.33 -6.63
H1' PSU A 5 -0.22 4.55 -7.60
H2' PSU A 5 0.94 3.63 -5.26
HO2' PSU A 5 2.92 3.99 -6.50
H3' PSU A 5 0.68 1.30 -5.94
H4' PSU A 5 1.78 2.27 -8.58
H5' PSU A 5 0.47 0.38 -9.50
H5'' PSU A 5 1.74 -0.17 -8.41
N1 PSU A 6 -1.09 2.84 -2.16
C2 PSU A 6 -2.11 3.28 -1.33
N3 PSU A 6 -1.92 4.54 -0.81
C4 PSU A 6 -0.83 5.36 -1.04
C5 PSU A 6 0.16 4.79 -1.91
C6 PSU A 6 0.00 3.56 -2.44
O2 PSU A 6 -3.10 2.62 -1.07
O4 PSU A 6 -0.78 6.48 -0.53
C1' PSU A 6 1.42 5.58 -2.24
C2' PSU A 6 2.45 5.43 -1.11
O2' PSU A 6 3.20 6.63 -1.05
C3' PSU A 6 3.28 4.28 -1.66
C4' PSU A 6 3.32 4.66 -3.12
O3' PSU A 6 4.56 4.22 -1.03
O4' PSU A 6 2.01 5.10 -3.43
C5' PSU A 6 3.75 3.51 -4.04
O5' PSU A 6 2.95 2.37 -3.85
P PSU A 6 3.13 1.06 -4.77
OP1 PSU A 6 4.56 0.71 -4.78
OP2 PSU A 6 2.14 0.05 -4.32
HN1 PSU A 6 -1.21 1.92 -2.56
HN3 PSU A 6 -2.64 4.90 -0.19
H6 PSU A 6 0.75 3.14 -3.09
H1' PSU A 6 1.17 6.63 -2.36
H2' PSU A 6 1.99 5.19 -0.17
HO2' PSU A 6 3.93 6.51 -0.44
H3' PSU A 6 2.75 3.34 -1.53
H4' PSU A 6 4.02 5.49 -3.26
H5' PSU A 6 3.71 3.84 -5.08
H5'' PSU A 6 4.78 3.24 -3.79
C24 GDZ C . 4.54 -2.91 5.65
C23 GDZ C . 5.17 -2.68 7.02
N28 GDZ C . 5.43 -1.24 7.28
C29 GDZ C . 6.06 -1.06 8.60
C27 GDZ C . 4.16 -0.49 7.18
C26 GDZ C . 3.50 -0.66 5.81
N25 GDZ C . 3.32 -2.09 5.48
C13 GDZ C . 2.16 -2.59 5.04
C14 GDZ C . 0.92 -2.29 5.71
C12 GDZ C . 2.10 -3.45 3.93
C17 GDZ C . 0.87 -3.98 3.53
C16 GDZ C . -0.31 -3.70 4.21
N18 GDZ C . -1.41 -4.30 3.71
N15 GDZ C . -0.28 -2.86 5.34
C21 GDZ C . -1.47 -2.66 6.00
O22 GDZ C . -1.49 -1.93 6.99
C20 GDZ C . -2.66 -3.28 5.50
C19 GDZ C . -2.59 -4.11 4.34
C1 GDZ C . -3.75 -4.78 3.80
C7 GDZ C . -4.94 -4.72 4.43
C2 GDZ C . -3.67 -5.55 2.58
C3 GDZ C . -4.79 -6.20 2.05
F4 GDZ C . -4.70 -6.90 0.90
C5 GDZ C . -6.01 -6.11 2.75
N11 GDZ C . -7.27 -6.67 2.46
N6 GDZ C . -6.02 -5.38 3.90
C8 GDZ C . -7.29 -5.43 4.41
C9 GDZ C . -8.07 -6.24 3.54
C10 GDZ C . -9.50 -6.62 3.71
H24B GDZ C . 5.26 -2.62 4.88
H24A GDZ C . 4.30 -3.97 5.54
H23A GDZ C . 6.12 -3.24 7.08
H23B GDZ C . 4.50 -3.07 7.79
H29A GDZ C . 6.26 0.00 8.77
H29C GDZ C . 7.01 -1.61 8.64
H29B GDZ C . 5.40 -1.44 9.39
H27A GDZ C . 3.47 -0.83 7.96
H27B GDZ C . 4.36 0.58 7.33
H26A GDZ C . 2.54 -0.16 5.82
H26B GDZ C . 4.13 -0.21 5.05
H14 GDZ C . 0.90 -1.61 6.53
H12 GDZ C . 3.01 -3.70 3.39
H17 GDZ C . 0.84 -4.62 2.66
H20 GDZ C . -3.57 -3.08 6.04
H7 GDZ C . -5.08 -4.16 5.34
H2 GDZ C . -2.72 -5.62 2.05
H8 GDZ C . -7.56 -4.92 5.33
H10C GDZ C . -10.13 -5.82 3.32
H10B GDZ C . -9.71 -6.76 4.77
H10A GDZ C . -9.71 -7.55 3.17
N1 PSU A 5 -3.12 2.08 -5.32
C2 PSU A 5 -3.69 3.15 -4.70
N3 PSU A 5 -3.00 4.35 -4.85
C4 PSU A 5 -1.85 4.52 -5.58
C5 PSU A 5 -1.35 3.33 -6.21
C6 PSU A 5 -2.00 2.16 -6.06
O2 PSU A 5 -4.72 3.07 -4.04
O4 PSU A 5 -1.34 5.64 -5.65
C1' PSU A 5 -0.09 3.40 -7.07
C2' PSU A 5 1.16 3.18 -6.23
O2' PSU A 5 2.22 3.91 -6.82
C3' PSU A 5 1.38 1.67 -6.38
C4' PSU A 5 1.03 1.54 -7.86
O3' PSU A 5 2.71 1.27 -6.07
O4' PSU A 5 -0.12 2.35 -8.04
C5' PSU A 5 0.76 0.10 -8.31
O5' PSU A 5 -0.25 -0.48 -7.50
P PSU A 5 -0.83 -1.95 -7.84
OP1 PSU A 5 0.33 -2.86 -8.04
OP2 PSU A 5 -1.84 -2.28 -6.81
HN1 PSU A 5 -3.59 1.18 -5.23
HN3 PSU A 5 -3.39 5.14 -4.37
H6 PSU A 5 -1.62 1.26 -6.53
H1' PSU A 5 -0.03 4.37 -7.56
H2' PSU A 5 1.02 3.46 -5.18
HO2' PSU A 5 3.05 3.64 -6.42
H3' PSU A 5 0.66 1.13 -5.78
H4' PSU A 5 1.85 1.94 -8.45
H5' PSU A 5 0.44 0.11 -9.35
H5'' PSU A 5 1.67 -0.49 -8.22
N1 PSU A 6 -1.12 2.77 -2.13
C2 PSU A 6 -2.13 3.27 -1.34
N3 PSU A 6 -1.92 4.52 -0.84
C4 PSU A 6 -0.80 5.29 -1.06
C5 PSU A 6 0.20 4.68 -1.89
C6 PSU A 6 0.01 3.44 -2.40
O2 PSU A 6 -3.16 2.62 -1.09
O4 PSU A 6 -0.73 6.41 -0.55
C1' PSU A 6 1.49 5.42 -2.18
C2' PSU A 6 2.49 5.25 -1.05
O2' PSU A 6 3.29 6.42 -0.98
C3' PSU A 6 3.31 4.06 -1.52
C4' PSU A 6 3.40 4.41 -3.01
O3' PSU A 6 4.57 3.96 -0.88
O4' PSU A 6 2.10 4.89 -3.35
C5' PSU A 6 3.80 3.23 -3.88
O5' PSU A 6 2.93 2.11 -3.69
P PSU A 6 3.08 0.78 -4.58
OP1 PSU A 6 4.50 0.37 -4.57
OP2 PSU A 6 2.04 -0.18 -4.14
HN1 PSU A 6 -1.25 1.84 -2.53
HN3 PSU A 6 -2.64 4.91 -0.24
H6 PSU A 6 0.76 2.99 -3.02
H1' PSU A 6 1.27 6.48 -2.33
H2' PSU A 6 2.00 5.05 -0.09
HO2' PSU A 6 4.03 6.25 -0.38
H3' PSU A 6 2.74 3.15 -1.41
H4' PSU A 6 4.12 5.22 -3.14
H5' PSU A 6 3.81 3.52 -4.93
H5'' PSU A 6 4.81 2.92 -3.60
C24 GDZ C . 4.49 -3.11 6.13
C23 GDZ C . 5.06 -2.81 7.52
N28 GDZ C . 5.37 -1.38 7.68
C29 GDZ C . 5.94 -1.13 9.02
C27 GDZ C . 4.17 -0.57 7.46
C26 GDZ C . 3.57 -0.82 6.08
N25 GDZ C . 3.32 -2.25 5.84
C13 GDZ C . 2.16 -2.73 5.36
C14 GDZ C . 0.92 -2.35 5.95
C12 GDZ C . 2.13 -3.62 4.29
C17 GDZ C . 0.90 -4.14 3.84
C16 GDZ C . -0.30 -3.80 4.48
N18 GDZ C . -1.40 -4.39 3.96
N15 GDZ C . -0.29 -2.90 5.57
C21 GDZ C . -1.49 -2.66 6.18
O22 GDZ C . -1.52 -1.90 7.16
C20 GDZ C . -2.69 -3.27 5.66
C19 GDZ C . -2.59 -4.16 4.55
C1 GDZ C . -3.74 -4.84 3.99
C7 GDZ C . -4.96 -4.72 4.57
C2 GDZ C . -3.61 -5.67 2.83
C3 GDZ C . -4.72 -6.35 2.29
F4 GDZ C . -4.59 -7.12 1.20
C5 GDZ C . -5.97 -6.20 2.94
N11 GDZ C . -7.22 -6.76 2.64
N6 GDZ C . -6.02 -5.40 4.04
C8 GDZ C . -7.31 -5.40 4.51
C9 GDZ C . -8.06 -6.26 3.65
C10 GDZ C . -9.52 -6.61 3.77
H24B GDZ C . 5.26 -2.94 5.39
H24A GDZ C . 4.18 -4.16 6.09
H23A GDZ C . 5.98 -3.41 7.66
H23B GDZ C . 4.34 -3.11 8.27
H29A GDZ C . 5.22 -1.44 9.79
H29C GDZ C . 6.15 -0.07 9.14
H29B GDZ C . 6.86 -1.70 9.16
H27A GDZ C . 3.42 -0.82 8.22
H27B GDZ C . 4.41 0.49 7.56
H26A GDZ C . 2.63 -0.26 5.98
H26B GDZ C . 4.26 -0.45 5.32
H14 GDZ C . 0.88 -1.61 6.73
H12 GDZ C . 3.04 -3.91 3.80
H17 GDZ C . 0.89 -4.81 3.00
H20 GDZ C . -3.62 -3.03 6.15
H7 GDZ C . -5.12 -4.11 5.45
H2 GDZ C . -2.65 -5.78 2.34
H8 GDZ C . -7.61 -4.85 5.38
H10C GDZ C . -9.76 -6.77 4.82
H10B GDZ C . -9.72 -7.52 3.21
H10A GDZ C . -10.12 -5.79 3.38
N1 PSU A 5 -3.32 1.90 -5.36
C2 PSU A 5 -3.87 2.95 -4.66
N3 PSU A 5 -3.18 4.14 -4.77
C4 PSU A 5 -2.04 4.35 -5.52
C5 PSU A 5 -1.56 3.18 -6.20
C6 PSU A 5 -2.22 2.00 -6.10
O2 PSU A 5 -4.90 2.84 -3.99
O4 PSU A 5 -1.53 5.47 -5.55
C1' PSU A 5 -0.31 3.27 -7.06
C2' PSU A 5 0.95 3.06 -6.22
O2' PSU A 5 1.99 3.84 -6.78
C3' PSU A 5 1.20 1.56 -6.41
C4' PSU A 5 0.85 1.45 -7.89
O3' PSU A 5 2.52 1.18 -6.11
O4' PSU A 5 -0.31 2.25 -8.05
C5' PSU A 5 0.59 0.02 -8.36
O5' PSU A 5 -0.42 -0.60 -7.58
P PSU A 5 -0.96 -2.07 -7.95
OP1 PSU A 5 0.21 -2.95 -8.16
OP2 PSU A 5 -1.98 -2.44 -6.96
HN1 PSU A 5 -3.79 1.01 -5.28
HN3 PSU A 5 -3.56 4.94 -4.27
H6 PSU A 5 -1.86 1.12 -6.62
H1' PSU A 5 -0.26 4.26 -7.53
H2' PSU A 5 0.81 3.30 -5.16
HO2' PSU A 5 1.82 4.77 -6.60
H3' PSU A 5 0.48 1.00 -5.83
H4' PSU A 5 1.66 1.88 -8.47
H5' PSU A 5 0.29 0.04 -9.41
H5'' PSU A 5 1.51 -0.55 -8.29
N1 PSU A 6 -1.25 2.65 -2.11
C2 PSU A 6 -2.24 3.13 -1.29
N3 PSU A 6 -2.01 4.38 -0.76
C4 PSU A 6 -0.89 5.16 -0.99
C5 PSU A 6 0.09 4.55 -1.85
C6 PSU A 6 -0.12 3.32 -2.38
O2 PSU A 6 -3.27 2.50 -1.04
O4 PSU A 6 -0.79 6.26 -0.46
C1' PSU A 6 1.37 5.31 -2.18
C2' PSU A 6 2.39 5.14 -1.05
O2' PSU A 6 3.18 6.30 -0.99
C3' PSU A 6 3.17 3.94 -1.56
C4' PSU A 6 3.24 4.29 -3.04
O3' PSU A 6 4.45 3.84 -0.94
O4' PSU A 6 1.96 4.78 -3.35
C5' PSU A 6 3.63 3.11 -3.92
O5' PSU A 6 2.77 2.01 -3.72
P PSU A 6 2.90 0.67 -4.63
OP1 PSU A 6 4.33 0.26 -4.64
OP2 PSU A 6 1.88 -0.30 -4.18
HN1 PSU A 6 -1.39 1.73 -2.51
HN3 PSU A 6 -2.72 4.77 -0.15
H6 PSU A 6 0.61 2.87 -3.03
H1' PSU A 6 1.15 6.37 -2.34
H2' PSU A 6 1.92 4.93 -0.09
HO2' PSU A 6 2.65 7.03 -0.67
H3' PSU A 6 2.59 3.03 -1.43
H4' PSU A 6 3.96 5.10 -3.17
H5' PSU A 6 3.62 3.42 -4.96
H5'' PSU A 6 4.65 2.81 -3.66
C24 GDZ C . 4.59 -3.12 6.11
C23 GDZ C . 5.16 -2.84 7.50
N28 GDZ C . 5.45 -1.39 7.70
C29 GDZ C . 6.00 -1.15 9.04
C27 GDZ C . 4.21 -0.59 7.48
C26 GDZ C . 3.62 -0.84 6.09
N25 GDZ C . 3.42 -2.28 5.83
C13 GDZ C . 2.25 -2.77 5.37
C14 GDZ C . 1.01 -2.38 5.93
C12 GDZ C . 2.22 -3.71 4.32
C17 GDZ C . 0.99 -4.23 3.88
C16 GDZ C . -0.20 -3.85 4.50
N18 GDZ C . -1.30 -4.45 4.00
N15 GDZ C . -0.20 -2.92 5.55
C21 GDZ C . -1.42 -2.64 6.14
O22 GDZ C . -1.44 -1.88 7.10
C20 GDZ C . -2.60 -3.26 5.63
C19 GDZ C . -2.50 -4.19 4.55
C1 GDZ C . -3.65 -4.89 4.01
C7 GDZ C . -4.88 -4.72 4.56
C2 GDZ C . -3.53 -5.79 2.88
C3 GDZ C . -4.66 -6.48 2.39
F4 GDZ C . -4.54 -7.31 1.34
C5 GDZ C . -5.89 -6.27 3.00
N11 GDZ C . -7.17 -6.81 2.72
N6 GDZ C . -5.95 -5.40 4.07
C8 GDZ C . -7.24 -5.36 4.52
C9 GDZ C . -7.99 -6.24 3.70
C10 GDZ C . -9.46 -6.53 3.82
H24B GDZ C . 5.36 -2.92 5.37
H24A GDZ C . 4.32 -4.17 6.06
H23A GDZ C . 6.09 -3.41 7.63
H23B GDZ C . 4.44 -3.16 8.26
H29A GDZ C . 6.23 -0.09 9.15
H29C GDZ C . 6.93 -1.72 9.15
H29B GDZ C . 5.30 -1.46 9.80
H27A GDZ C . 3.48 -0.87 8.23
H27B GDZ C . 4.44 0.46 7.58
H26A GDZ C . 2.69 -0.30 5.99
H26B GDZ C . 4.32 -0.46 5.34
H14 GDZ C . 0.96 -1.61 6.69
H12 GDZ C . 3.14 -4.03 3.84
H17 GDZ C . 0.97 -4.94 3.07
H20 GDZ C . -3.54 -2.98 6.10
H7 GDZ C . -5.04 -4.06 5.40
H2 GDZ C . -2.56 -5.95 2.43
H8 GDZ C . -7.54 -4.75 5.36
H10C GDZ C . -9.69 -6.75 4.86
H10B GDZ C . -9.71 -7.39 3.20
H10A GDZ C . -10.03 -5.66 3.50
N1 PSU A 5 -3.49 2.08 -5.44
C2 PSU A 5 -4.00 3.13 -4.70
N3 PSU A 5 -3.32 4.30 -4.79
C4 PSU A 5 -2.19 4.53 -5.56
C5 PSU A 5 -1.74 3.37 -6.31
C6 PSU A 5 -2.41 2.20 -6.21
O2 PSU A 5 -5.01 3.00 -4.00
O4 PSU A 5 -1.65 5.63 -5.57
C1' PSU A 5 -0.52 3.47 -7.20
C2' PSU A 5 0.77 3.26 -6.40
O2' PSU A 5 1.80 4.03 -6.99
C3' PSU A 5 1.00 1.76 -6.61
C4' PSU A 5 0.61 1.66 -8.08
O3' PSU A 5 2.32 1.37 -6.33
O4' PSU A 5 -0.55 2.48 -8.22
C5' PSU A 5 0.33 0.24 -8.58
O5' PSU A 5 -0.68 -0.38 -7.79
P PSU A 5 -1.24 -1.84 -8.18
OP1 PSU A 5 -0.08 -2.74 -8.41
OP2 PSU A 5 -2.25 -2.22 -7.17
HN1 PSU A 5 -3.97 1.20 -5.38
HN3 PSU A 5 -3.66 5.09 -4.25
H6 PSU A 5 -2.06 1.34 -6.76
H1' PSU A 5 -0.50 4.47 -7.66
H2' PSU A 5 0.65 3.50 -5.35
HO2' PSU A 5 1.64 4.96 -6.79
H3' PSU A 5 0.30 1.19 -6.01
H4' PSU A 5 1.40 2.09 -8.68
H5' PSU A 5 0.02 0.27 -9.61
H5'' PSU A 5 1.25 -0.35 -8.50
N1 PSU A 6 -1.30 2.73 -2.23
C2 PSU A 6 -2.30 3.18 -1.38
N3 PSU A 6 -2.09 4.45 -0.87
C4 PSU A 6 -1.00 5.24 -1.12
C5 PSU A 6 -0.01 4.67 -2.00
C6 PSU A 6 -0.21 3.44 -2.53
O2 PSU A 6 -3.30 2.53 -1.11
O4 PSU A 6 -0.92 6.36 -0.60
C1' PSU A 6 1.24 5.44 -2.34
C2' PSU A 6 2.29 5.27 -1.25
O2' PSU A 6 3.09 6.46 -1.22
C3' PSU A 6 3.08 4.09 -1.78
C4' PSU A 6 3.12 4.46 -3.26
O3' PSU A 6 4.37 3.99 -1.18
O4' PSU A 6 1.81 4.94 -3.54
C5' PSU A 6 3.48 3.28 -4.17
O5' PSU A 6 2.62 2.18 -3.95
P PSU A 6 2.74 0.85 -4.87
OP1 PSU A 6 4.16 0.42 -4.92
OP2 PSU A 6 1.71 -0.11 -4.41
HN1 PSU A 6 -1.45 1.82 -2.64
HN3 PSU A 6 -2.79 4.81 -0.25
H6 PSU A 6 0.52 3.00 -3.19
H1' PSU A 6 0.99 6.49 -2.46
H2' PSU A 6 1.85 5.07 -0.28
HO2' PSU A 6 3.85 6.30 -0.66
H3' PSU A 6 2.53 3.17 -1.64
H4' PSU A 6 3.82 5.27 -3.42
H5' PSU A 6 3.43 3.59 -5.20
H5'' PSU A 6 4.51 2.98 -3.94
C24 GDZ C . 3.34 -0.69 5.65
C23 GDZ C . 4.04 -0.49 7.00
N28 GDZ C . 5.32 -1.22 7.09
C29 GDZ C . 6.34 -0.66 6.18
C27 GDZ C . 5.10 -2.66 6.84
C26 GDZ C . 4.43 -2.92 5.49
N25 GDZ C . 3.19 -2.13 5.33
C13 GDZ C . 2.03 -2.66 4.92
C14 GDZ C . 0.81 -2.38 5.61
C12 GDZ C . 1.95 -3.50 3.80
C17 GDZ C . 0.73 -4.04 3.41
C16 GDZ C . -0.44 -3.78 4.14
N18 GDZ C . -1.54 -4.39 3.65
N15 GDZ C . -0.39 -2.95 5.26
C21 GDZ C . -1.57 -2.77 5.95
O22 GDZ C . -1.56 -2.08 6.96
C20 GDZ C . -2.77 -3.40 5.48
C19 GDZ C . -2.72 -4.23 4.31
C1 GDZ C . -3.88 -4.90 3.78
C7 GDZ C . -5.07 -4.81 4.41
C2 GDZ C . -3.79 -5.68 2.57
C3 GDZ C . -4.92 -6.34 2.06
F4 GDZ C . -4.84 -7.08 0.93
C5 GDZ C . -6.14 -6.23 2.76
N11 GDZ C . -7.40 -6.78 2.48
N6 GDZ C . -6.16 -5.47 3.89
C8 GDZ C . -7.42 -5.50 4.41
C9 GDZ C . -8.21 -6.32 3.54
C10 GDZ C . -9.66 -6.67 3.71
H24B GDZ C . 2.37 -0.22 5.68
H24A GDZ C . 3.93 -0.22 4.86
H23A GDZ C . 3.37 -0.85 7.79
H23B GDZ C . 4.22 0.57 7.15
H29A GDZ C . 6.02 -0.74 5.15
H29C GDZ C . 7.28 -1.19 6.31
H29B GDZ C . 6.49 0.40 6.43
H27A GDZ C . 6.04 -3.19 6.88
H27B GDZ C . 4.45 -3.06 7.62
H26A GDZ C . 5.11 -2.67 4.68
H26B GDZ C . 4.18 -3.98 5.41
H14 GDZ C . 0.79 -1.71 6.45
H12 GDZ C . 2.86 -3.73 3.24
H17 GDZ C . 0.68 -4.68 2.55
H20 GDZ C . -3.68 -3.23 6.03
H7 GDZ C . -5.20 -4.25 5.32
H2 GDZ C . -2.86 -5.77 2.05
H8 GDZ C . -7.70 -4.98 5.31
H10C GDZ C . -10.28 -5.85 3.34
H10B GDZ C . -9.87 -6.84 4.77
H10A GDZ C . -9.89 -7.57 3.15
N1 PSU A 5 -3.26 2.16 -5.51
C2 PSU A 5 -3.80 3.21 -4.78
N3 PSU A 5 -3.13 4.41 -4.87
C4 PSU A 5 -1.99 4.63 -5.63
C5 PSU A 5 -1.52 3.47 -6.37
C6 PSU A 5 -2.18 2.29 -6.26
O2 PSU A 5 -4.81 3.07 -4.09
O4 PSU A 5 -1.48 5.74 -5.64
C1' PSU A 5 -0.29 3.60 -7.24
C2' PSU A 5 0.99 3.39 -6.43
O2' PSU A 5 2.01 4.17 -7.04
C3' PSU A 5 1.24 1.90 -6.63
C4' PSU A 5 0.85 1.79 -8.10
O3' PSU A 5 2.57 1.52 -6.35
O4' PSU A 5 -0.30 2.59 -8.25
C5' PSU A 5 0.61 0.36 -8.58
O5' PSU A 5 -0.36 -0.28 -7.77
P PSU A 5 -0.90 -1.76 -8.12
OP1 PSU A 5 0.27 -2.63 -8.37
OP2 PSU A 5 -1.90 -2.14 -7.10
HN1 PSU A 5 -3.74 1.28 -5.44
HN3 PSU A 5 -3.50 5.18 -4.35
H6 PSU A 5 -1.81 1.43 -6.80
H1' PSU A 5 -0.27 4.59 -7.70
H2' PSU A 5 0.87 3.65 -5.38
HO2' PSU A 5 2.85 3.95 -6.63
H3' PSU A 5 0.53 1.32 -6.03
H4' PSU A 5 1.66 2.22 -8.70
H5' PSU A 5 0.28 0.38 -9.62
H5'' PSU A 5 1.54 -0.20 -8.53
N1 PSU A 6 -1.18 2.89 -2.32
C2 PSU A 6 -2.16 3.34 -1.46
N3 PSU A 6 -1.94 4.59 -0.91
C4 PSU A 6 -0.84 5.38 -1.14
C5 PSU A 6 0.13 4.81 -2.04
C6 PSU A 6 -0.06 3.59 -2.58
O2 PSU A 6 -3.17 2.69 -1.21
O4 PSU A 6 -0.76 6.48 -0.60
C1' PSU A 6 1.40 5.58 -2.36
C2' PSU A 6 2.43 5.39 -1.24
O2' PSU A 6 3.23 6.56 -1.17
C3' PSU A 6 3.24 4.21 -1.76
C4' PSU A 6 3.28 4.60 -3.24
O3' PSU A 6 4.51 4.11 -1.16
O4' PSU A 6 1.98 5.09 -3.55
C5' PSU A 6 3.69 3.43 -4.15
O5' PSU A 6 2.84 2.31 -3.96
P PSU A 6 2.98 1.00 -4.88
OP1 PSU A 6 4.40 0.61 -4.91
OP2 PSU A 6 1.96 0.02 -4.43
HN1 PSU A 6 -1.32 1.98 -2.74
HN3 PSU A 6 -2.64 4.93 -0.29
H6 PSU A 6 0.67 3.16 -3.25
H1' PSU A 6 1.17 6.64 -2.46
H2' PSU A 6 1.97 5.17 -0.27
HO2' PSU A 6 3.98 6.38 -0.61
H3' PSU A 6 2.67 3.29 -1.65
H4' PSU A 6 4.00 5.41 -3.37
H5' PSU A 6 3.65 3.76 -5.19
H5'' PSU A 6 4.70 3.14 -3.90
C24 GDZ C . 4.28 -3.16 6.75
C23 GDZ C . 5.70 -2.57 6.73
N28 GDZ C . 5.75 -1.25 7.38
C29 GDZ C . 7.14 -0.74 7.39
C27 GDZ C . 4.88 -0.34 6.61
C26 GDZ C . 3.42 -0.80 6.60
N25 GDZ C . 3.25 -2.23 6.26
C13 GDZ C . 2.14 -2.68 5.66
C14 GDZ C . 0.84 -2.26 6.11
C12 GDZ C . 2.18 -3.58 4.58
C17 GDZ C . 0.99 -4.09 4.05
C16 GDZ C . -0.26 -3.74 4.59
N18 GDZ C . -1.31 -4.37 4.02
N15 GDZ C . -0.32 -2.81 5.64
C21 GDZ C . -1.58 -2.54 6.15
O22 GDZ C . -1.68 -1.75 7.08
C20 GDZ C . -2.72 -3.20 5.59
C19 GDZ C . -2.54 -4.13 4.52
C1 GDZ C . -3.65 -4.85 3.93
C7 GDZ C . -4.90 -4.73 4.44
C2 GDZ C . -3.46 -5.72 2.80
C3 GDZ C . -4.55 -6.44 2.24
F4 GDZ C . -4.37 -7.24 1.18
C5 GDZ C . -5.82 -6.28 2.82
N11 GDZ C . -7.06 -6.85 2.49
N6 GDZ C . -5.93 -5.43 3.90
C8 GDZ C . -7.24 -5.45 4.32
C9 GDZ C . -7.94 -6.34 3.46
C10 GDZ C . -9.40 -6.69 3.55
H24B GDZ C . 4.28 -4.07 6.15
H24A GDZ C . 4.05 -3.43 7.77
H23A GDZ C . 6.02 -2.47 5.69
H23B GDZ C . 6.37 -3.26 7.23
H29A GDZ C . 7.16 0.25 7.85
H29C GDZ C . 7.52 -0.67 6.37
H29B GDZ C . 7.77 -1.42 7.97
H27A GDZ C . 4.93 0.65 7.05
H27B GDZ C . 5.24 -0.29 5.58
H26A GDZ C . 3.00 -0.62 7.59
H26B GDZ C . 2.87 -0.18 5.89
H14 GDZ C . 0.74 -1.49 6.86
H12 GDZ C . 3.12 -3.88 4.17
H17 GDZ C . 1.05 -4.78 3.22
H20 GDZ C . -3.68 -2.95 6.02
H7 GDZ C . -5.11 -4.10 5.29
H2 GDZ C . -2.48 -5.85 2.36
H8 GDZ C . -7.57 -4.87 5.16
H10C GDZ C . -9.99 -5.88 3.11
H10B GDZ C . -9.67 -6.81 4.59
H10A GDZ C . -9.59 -7.61 3.00
N1 PSU A 5 -3.53 2.05 -5.39
C2 PSU A 5 -4.04 3.12 -4.69
N3 PSU A 5 -3.34 4.29 -4.83
C4 PSU A 5 -2.21 4.48 -5.59
C5 PSU A 5 -1.77 3.29 -6.29
C6 PSU A 5 -2.43 2.13 -6.16
O2 PSU A 5 -5.05 3.03 -4.00
O4 PSU A 5 -1.67 5.58 -5.64
C1' PSU A 5 -0.53 3.35 -7.17
C2' PSU A 5 0.75 3.13 -6.37
O2' PSU A 5 1.79 3.87 -6.97
C3' PSU A 5 0.95 1.62 -6.56
C4' PSU A 5 0.56 1.50 -8.03
O3' PSU A 5 2.28 1.21 -6.27
O4' PSU A 5 -0.58 2.33 -8.15
C5' PSU A 5 0.27 0.07 -8.47
O5' PSU A 5 -0.72 -0.52 -7.67
P PSU A 5 -1.30 -1.99 -8.00
OP1 PSU A 5 -0.15 -2.90 -8.23
OP2 PSU A 5 -2.31 -2.33 -6.98
HN1 PSU A 5 -4.02 1.17 -5.30
HN3 PSU A 5 -3.69 5.09 -4.31
H6 PSU A 5 -2.11 1.23 -6.67
H1' PSU A 5 -0.49 4.34 -7.65
H2' PSU A 5 0.63 3.38 -5.31
HO2' PSU A 5 1.66 4.80 -6.76
H3' PSU A 5 0.24 1.07 -5.94
H4' PSU A 5 1.36 1.91 -8.62
H5' PSU A 5 -0.06 0.09 -9.51
H5'' PSU A 5 1.19 -0.51 -8.41
N1 PSU A 6 -1.41 2.67 -2.21
C2 PSU A 6 -2.38 3.15 -1.36
N3 PSU A 6 -2.14 4.40 -0.83
C4 PSU A 6 -1.04 5.17 -1.08
C5 PSU A 6 -0.08 4.58 -1.98
C6 PSU A 6 -0.29 3.36 -2.51
O2 PSU A 6 -3.39 2.51 -1.09
O4 PSU A 6 -0.93 6.29 -0.57
C1' PSU A 6 1.20 5.34 -2.33
C2' PSU A 6 2.24 5.17 -1.21
O2' PSU A 6 3.05 6.32 -1.18
C3' PSU A 6 3.02 3.96 -1.73
C4' PSU A 6 3.06 4.32 -3.22
O3' PSU A 6 4.30 3.85 -1.14
O4' PSU A 6 1.77 4.82 -3.51
C5' PSU A 6 3.43 3.14 -4.10
O5' PSU A 6 2.56 2.03 -3.89
P PSU A 6 2.68 0.70 -4.79
OP1 PSU A 6 4.10 0.28 -4.82
OP2 PSU A 6 1.64 -0.24 -4.34
HN1 PSU A 6 -1.55 1.76 -2.62
HN3 PSU A 6 -2.83 4.79 -0.20
H6 PSU A 6 0.43 2.91 -3.18
H1' PSU A 6 0.98 6.40 -2.46
H2' PSU A 6 1.77 4.98 -0.24
HO2' PSU A 6 3.80 6.15 -0.61
H3' PSU A 6 2.44 3.05 -1.59
H4' PSU A 6 3.80 5.12 -3.35
H5' PSU A 6 3.38 3.45 -5.15
H5'' PSU A 6 4.44 2.82 -3.86
C24 GDZ C . 3.14 -0.94 6.59
C23 GDZ C . 4.62 -0.54 6.56
N28 GDZ C . 5.46 -1.44 7.36
C29 GDZ C . 6.86 -0.99 7.34
C27 GDZ C . 5.35 -2.79 6.79
C26 GDZ C . 3.92 -3.32 6.86
N25 GDZ C . 2.91 -2.37 6.33
C13 GDZ C . 1.78 -2.80 5.75
C14 GDZ C . 0.50 -2.43 6.26
C12 GDZ C . 1.81 -3.66 4.64
C17 GDZ C . 0.61 -4.15 4.11
C16 GDZ C . -0.63 -3.84 4.70
N18 GDZ C . -1.70 -4.41 4.11
N15 GDZ C . -0.68 -2.99 5.81
C21 GDZ C . -1.91 -2.80 6.40
O22 GDZ C . -1.98 -2.09 7.40
C20 GDZ C . -3.06 -3.42 5.83
C19 GDZ C . -2.91 -4.24 4.66
C1 GDZ C . -4.03 -4.90 4.03
C7 GDZ C . -5.28 -4.81 4.55
C2 GDZ C . -3.86 -5.67 2.82
C3 GDZ C . -4.94 -6.33 2.21
F4 GDZ C . -4.77 -7.04 1.10
C5 GDZ C . -6.21 -6.21 2.81
N11 GDZ C . -7.46 -6.76 2.44
N6 GDZ C . -6.31 -5.46 3.95
C8 GDZ C . -7.63 -5.49 4.37
C9 GDZ C . -8.33 -6.31 3.45
C10 GDZ C . -9.78 -6.67 3.51
H24B GDZ C . 2.75 -0.69 7.58
H24A GDZ C . 2.61 -0.34 5.85
H23A GDZ C . 4.72 0.47 6.94
H23B GDZ C . 4.96 -0.55 5.52
H29A GDZ C . 7.47 -1.68 7.93
H29C GDZ C . 6.93 0.01 7.78
H29B GDZ C . 7.22 -0.97 6.32
H27A GDZ C . 5.67 -2.77 5.74
H27B GDZ C . 6.00 -3.47 7.33
H26A GDZ C . 3.86 -4.26 6.31
H26B GDZ C . 3.68 -3.53 7.91
H14 GDZ C . 0.41 -1.70 7.05
H12 GDZ C . 2.75 -3.93 4.19
H17 GDZ C . 0.64 -4.79 3.24
H20 GDZ C . -4.01 -3.24 6.31
H7 GDZ C . -5.48 -4.25 5.46
H2 GDZ C . -2.88 -5.76 2.38
H8 GDZ C . -7.96 -4.97 5.25
H10C GDZ C . -10.06 -6.85 4.54
H10B GDZ C . -9.96 -7.58 2.93
H10A GDZ C . -10.38 -5.85 3.09
N1 PSU A 5 -3.13 2.01 -5.35
C2 PSU A 5 -3.67 3.07 -4.67
N3 PSU A 5 -3.00 4.26 -4.78
C4 PSU A 5 -1.85 4.46 -5.50
C5 PSU A 5 -1.35 3.29 -6.19
C6 PSU A 5 -2.01 2.11 -6.08
O2 PSU A 5 -4.71 2.96 -4.01
O4 PSU A 5 -1.33 5.58 -5.54
C1' PSU A 5 -0.09 3.39 -7.02
C2' PSU A 5 1.18 3.18 -6.19
O2' PSU A 5 2.21 3.96 -6.77
C3' PSU A 5 1.42 1.70 -6.38
C4' PSU A 5 1.07 1.58 -7.85
O3' PSU A 5 2.76 1.33 -6.07
O4' PSU A 5 -0.09 2.38 -8.02
C5' PSU A 5 0.83 0.14 -8.32
O5' PSU A 5 -0.17 -0.48 -7.54
P PSU A 5 -0.72 -1.96 -7.89
OP1 PSU A 5 0.45 -2.86 -8.09
OP2 PSU A 5 -1.74 -2.33 -6.88
HN1 PSU A 5 -3.61 1.13 -5.29
HN3 PSU A 5 -3.37 5.05 -4.27
H6 PSU A 5 -1.64 1.24 -6.58
H1' PSU A 5 -0.05 4.37 -7.50
H2' PSU A 5 1.03 3.46 -5.15
HO2' PSU A 5 3.03 3.71 -6.34
H3' PSU A 5 0.71 1.12 -5.79
H4' PSU A 5 1.88 2.01 -8.44
H5' PSU A 5 0.53 0.15 -9.37
H5'' PSU A 5 1.76 -0.43 -8.23
N1 PSU A 6 -1.05 2.75 -2.11
C2 PSU A 6 -2.07 3.23 -1.31
N3 PSU A 6 -1.87 4.50 -0.80
C4 PSU A 6 -0.76 5.29 -1.02
C5 PSU A 6 0.25 4.68 -1.85
C6 PSU A 6 0.06 3.45 -2.37
O2 PSU A 6 -3.09 2.59 -1.08
O4 PSU A 6 -0.69 6.41 -0.52
C1' PSU A 6 1.53 5.44 -2.16
C2' PSU A 6 2.53 5.27 -1.01
O2' PSU A 6 3.31 6.45 -0.93
C3' PSU A 6 3.35 4.08 -1.51
C4' PSU A 6 3.44 4.44 -2.98
O3' PSU A 6 4.61 3.99 -0.86
O4' PSU A 6 2.15 4.94 -3.33
C5' PSU A 6 3.84 3.27 -3.86
O5' PSU A 6 2.98 2.16 -3.68
P PSU A 6 3.12 0.83 -4.58
OP1 PSU A 6 4.56 0.43 -4.58
OP2 PSU A 6 2.10 -0.14 -4.13
HN1 PSU A 6 -1.16 1.82 -2.49
HN3 PSU A 6 -2.60 4.87 -0.22
H6 PSU A 6 0.82 3.00 -3.00
H1' PSU A 6 1.30 6.50 -2.28
H2' PSU A 6 2.04 5.06 -0.07
HO2' PSU A 6 4.05 6.28 -0.34
H3' PSU A 6 2.79 3.16 -1.39
H4' PSU A 6 4.16 5.25 -3.10
H5' PSU A 6 3.83 3.57 -4.92
H5'' PSU A 6 4.86 2.97 -3.62
C24 GDZ C . 4.58 -2.99 5.96
C23 GDZ C . 5.17 -2.74 7.36
N28 GDZ C . 5.44 -1.30 7.60
C29 GDZ C . 6.01 -1.10 8.95
C27 GDZ C . 4.18 -0.53 7.45
C26 GDZ C . 3.57 -0.72 6.06
N25 GDZ C . 3.39 -2.15 5.74
C13 GDZ C . 2.24 -2.65 5.27
C14 GDZ C . 0.99 -2.30 5.89
C12 GDZ C . 2.20 -3.54 4.21
C17 GDZ C . 0.98 -4.07 3.78
C16 GDZ C . -0.22 -3.74 4.42
N18 GDZ C . -1.31 -4.35 3.91
N15 GDZ C . -0.21 -2.87 5.52
C21 GDZ C . -1.43 -2.64 6.14
O22 GDZ C . -1.46 -1.91 7.11
C20 GDZ C . -2.61 -3.27 5.62
C19 GDZ C . -2.50 -4.14 4.50
C1 GDZ C . -3.65 -4.82 3.94
C7 GDZ C . -4.86 -4.71 4.52
C2 GDZ C . -3.52 -5.65 2.76
C3 GDZ C . -4.64 -6.32 2.23
F4 GDZ C . -4.53 -7.09 1.14
C5 GDZ C . -5.88 -6.18 2.88
N11 GDZ C . -7.14 -6.73 2.59
N6 GDZ C . -5.93 -5.38 3.99
C8 GDZ C . -7.22 -5.39 4.47
C9 GDZ C . -7.97 -6.24 3.60
C10 GDZ C . -9.43 -6.58 3.74
H24B GDZ C . 5.33 -2.73 5.21
H24A GDZ C . 4.33 -4.03 5.87
H23A GDZ C . 6.11 -3.29 7.45
H23B GDZ C . 4.48 -3.11 8.11
H29A GDZ C . 5.32 -1.45 9.71
H29C GDZ C . 6.21 -0.04 9.11
H29B GDZ C . 6.94 -1.65 9.04
H27A GDZ C . 3.46 -0.86 8.19
H27B GDZ C . 4.39 0.53 7.60
H26A GDZ C . 2.62 -0.20 6.01
H26B GDZ C . 4.25 -0.29 5.31
H14 GDZ C . 0.95 -1.59 6.70
H12 GDZ C . 3.11 -3.82 3.69
H17 GDZ C . 0.97 -4.75 2.94
H20 GDZ C . -3.53 -3.05 6.13
H7 GDZ C . -5.03 -4.10 5.39
H2 GDZ C . -2.57 -5.77 2.28
H8 GDZ C . -7.51 -4.82 5.34
H10C GDZ C . -10.03 -5.76 3.35
H10B GDZ C . -9.67 -6.73 4.79
H10A GDZ C . -9.64 -7.49 3.19
N1 PSU A 5 -2.42 1.89 -4.95
C2 PSU A 5 -3.04 2.97 -4.38
N3 PSU A 5 -2.39 4.17 -4.54
C4 PSU A 5 -1.20 4.36 -5.22
C5 PSU A 5 -0.62 3.15 -5.77
C6 PSU A 5 -1.25 1.96 -5.61
O2 PSU A 5 -4.11 2.89 -3.78
O4 PSU A 5 -0.72 5.49 -5.31
C1' PSU A 5 0.69 3.22 -6.53
C2' PSU A 5 1.88 3.04 -5.59
O2' PSU A 5 2.96 3.79 -6.12
C3' PSU A 5 2.15 1.55 -5.70
C4' PSU A 5 1.90 1.37 -7.20
O3' PSU A 5 3.45 1.18 -5.28
O4' PSU A 5 0.76 2.16 -7.48
C5' PSU A 5 1.69 -0.07 -7.66
O5' PSU A 5 0.61 -0.67 -6.95
P PSU A 5 0.11 -2.16 -7.34
OP1 PSU A 5 1.30 -3.04 -7.44
OP2 PSU A 5 -1.00 -2.52 -6.43
HN1 PSU A 5 -2.87 1.00 -4.83
HN3 PSU A 5 -2.82 4.98 -4.14
H6 PSU A 5 -0.83 1.07 -6.03
H1' PSU A 5 0.77 4.18 -7.03
H2' PSU A 5 1.66 3.34 -4.57
HO2' PSU A 5 3.76 3.58 -5.63
H3' PSU A 5 1.39 0.98 -5.15
H4' PSU A 5 2.75 1.80 -7.74
H5' PSU A 5 1.48 -0.08 -8.73
H5'' PSU A 5 2.60 -0.65 -7.48
N1 PSU A 6 -0.66 2.66 -1.67
C2 PSU A 6 -1.73 3.14 -0.95
N3 PSU A 6 -1.58 4.42 -0.46
C4 PSU A 6 -0.47 5.22 -0.62
C5 PSU A 6 0.60 4.60 -1.38
C6 PSU A 6 0.46 3.35 -1.87
O2 PSU A 6 -2.75 2.48 -0.76
O4 PSU A 6 -0.44 6.34 -0.14
C1' PSU A 6 1.89 5.37 -1.60
C2' PSU A 6 2.81 5.25 -0.39
O2' PSU A 6 3.57 6.45 -0.29
C3' PSU A 6 3.69 4.08 -0.80
C4' PSU A 6 3.86 4.40 -2.28
O3' PSU A 6 4.91 4.01 -0.09
O4' PSU A 6 2.60 4.84 -2.71
C5' PSU A 6 4.35 3.20 -3.08
O5' PSU A 6 3.49 2.10 -2.91
P PSU A 6 3.71 0.73 -3.76
OP1 PSU A 6 5.13 0.34 -3.64
OP2 PSU A 6 2.66 -0.23 -3.36
HN1 PSU A 6 -0.74 1.72 -2.03
HN3 PSU A 6 -2.34 4.81 0.07
H6 PSU A 6 1.27 2.90 -2.43
H1' PSU A 6 1.66 6.42 -1.78
H2' PSU A 6 2.26 5.05 0.53
HO2' PSU A 6 4.24 6.34 0.38
H3' PSU A 6 3.12 3.15 -0.70
H4' PSU A 6 4.57 5.22 -2.38
H5' PSU A 6 4.43 3.48 -4.13
H5'' PSU A 6 5.34 2.92 -2.73
C24 GDZ C . 3.54 -0.60 6.71
C23 GDZ C . 4.08 -0.39 8.12
N28 GDZ C . 5.34 -1.13 8.34
C29 GDZ C . 5.87 -0.89 9.70
C27 GDZ C . 5.13 -2.57 8.10
C26 GDZ C . 4.60 -2.84 6.69
N25 GDZ C . 3.39 -2.04 6.39
C13 GDZ C . 2.28 -2.58 5.88
C14 GDZ C . 0.99 -2.26 6.43
C12 GDZ C . 2.32 -3.45 4.80
C17 GDZ C . 1.13 -4.00 4.30
C16 GDZ C . -0.11 -3.71 4.88
N18 GDZ C . -1.16 -4.32 4.30
N15 GDZ C . -0.17 -2.85 5.99
C21 GDZ C . -1.41 -2.65 6.55
O22 GDZ C . -1.51 -1.94 7.54
C20 GDZ C . -2.56 -3.29 5.97
C19 GDZ C . -2.38 -4.13 4.83
C1 GDZ C . -3.48 -4.81 4.18
C7 GDZ C . -4.74 -4.72 4.69
C2 GDZ C . -3.29 -5.60 2.99
C3 GDZ C . -4.36 -6.26 2.37
F4 GDZ C . -4.17 -6.99 1.26
C5 GDZ C . -5.64 -6.15 2.95
N11 GDZ C . -6.88 -6.70 2.57
N6 GDZ C . -5.76 -5.38 4.08
C8 GDZ C . -7.07 -5.43 4.48
C9 GDZ C . -7.77 -6.25 3.56
C10 GDZ C . -9.22 -6.62 3.60
H24B GDZ C . 2.57 -0.10 6.61
H24A GDZ C . 4.23 -0.16 6.00
H23A GDZ C . 3.33 -0.74 8.83
H23B GDZ C . 4.25 0.67 8.27
H29A GDZ C . 5.15 -1.27 10.43
H29C GDZ C . 6.03 0.17 9.86
H29B GDZ C . 6.81 -1.43 9.82
H27A GDZ C . 6.07 -3.11 8.24
H27B GDZ C . 4.40 -2.95 8.83
H26A GDZ C . 5.38 -2.58 5.97
H26B GDZ C . 4.37 -3.90 6.59
H14 GDZ C . 0.90 -1.57 7.24
H12 GDZ C . 3.26 -3.71 4.34
H17 GDZ C . 1.17 -4.67 3.45
H20 GDZ C . -3.52 -3.11 6.42
H7 GDZ C . -4.96 -4.14 5.57
H2 GDZ C . -2.30 -5.68 2.55
H8 GDZ C . -7.42 -4.89 5.36
H10C GDZ C . -9.39 -7.56 3.07
H10B GDZ C . -9.81 -5.83 3.15
H10A GDZ C . -9.52 -6.75 4.65
N1 PSU A 5 -3.12 1.87 -5.20
C2 PSU A 5 -3.69 2.93 -4.53
N3 PSU A 5 -3.06 4.13 -4.69
C4 PSU A 5 -1.92 4.35 -5.45
C5 PSU A 5 -1.40 3.18 -6.10
C6 PSU A 5 -2.03 1.98 -5.96
O2 PSU A 5 -4.70 2.80 -3.85
O4 PSU A 5 -1.43 5.48 -5.52
C1' PSU A 5 -0.16 3.29 -6.96
C2' PSU A 5 1.12 3.09 -6.14
O2' PSU A 5 2.14 3.85 -6.72
C3' PSU A 5 1.36 1.60 -6.31
C4' PSU A 5 1.00 1.46 -7.77
O3' PSU A 5 2.69 1.23 -6.00
O4' PSU A 5 -0.16 2.26 -7.95
C5' PSU A 5 0.76 0.03 -8.23
O5' PSU A 5 -0.23 -0.60 -7.45
P PSU A 5 -0.77 -2.07 -7.81
OP1 PSU A 5 0.40 -2.95 -8.01
OP2 PSU A 5 -1.80 -2.45 -6.80
HN1 PSU A 5 -3.57 0.97 -5.10
HN3 PSU A 5 -3.44 4.92 -4.20
H6 PSU A 5 -1.65 1.10 -6.46
H1' PSU A 5 -0.14 4.26 -7.44
H2' PSU A 5 0.98 3.36 -5.08
HO2' PSU A 5 2.97 3.62 -6.31
H3' PSU A 5 0.66 1.02 -5.71
H4' PSU A 5 1.81 1.89 -8.36
H5' PSU A 5 0.46 0.04 -9.28
H5'' PSU A 5 1.68 -0.54 -8.15
N1 PSU A 6 -1.13 2.59 -2.01
C2 PSU A 6 -2.15 3.06 -1.21
N3 PSU A 6 -1.96 4.32 -0.71
C4 PSU A 6 -0.87 5.12 -0.93
C5 PSU A 6 0.14 4.53 -1.78
C6 PSU A 6 -0.02 3.29 -2.29
O2 PSU A 6 -3.15 2.40 -0.97
O4 PSU A 6 -0.80 6.24 -0.43
C1' PSU A 6 1.40 5.32 -2.09
C2' PSU A 6 2.42 5.18 -0.96
O2' PSU A 6 3.19 6.36 -0.90
C3' PSU A 6 3.26 4.00 -1.45
C4' PSU A 6 3.32 4.35 -2.93
O3' PSU A 6 4.53 3.95 -0.81
O4' PSU A 6 2.01 4.80 -3.26
C5' PSU A 6 3.75 3.18 -3.82
O5' PSU A 6 2.93 2.06 -3.62
P PSU A 6 3.10 0.73 -4.52
OP1 PSU A 6 4.54 0.37 -4.53
OP2 PSU A 6 2.10 -0.26 -4.08
HN1 PSU A 6 -1.22 1.65 -2.39
HN3 PSU A 6 -2.69 4.69 -0.12
H6 PSU A 6 0.74 2.86 -2.92
H1' PSU A 6 1.17 6.37 -2.23
H2' PSU A 6 1.94 4.97 0.00
HO2' PSU A 6 3.92 6.22 -0.28
H3' PSU A 6 2.70 3.08 -1.31
H4' PSU A 6 4.02 5.18 -3.07
H5' PSU A 6 3.73 3.48 -4.85
H5'' PSU A 6 4.78 2.91 -3.56
C24 GDZ C . 3.39 -0.62 6.07
C23 GDZ C . 4.01 -0.44 7.46
N28 GDZ C . 5.26 -1.22 7.62
C29 GDZ C . 5.85 -1.01 8.96
C27 GDZ C . 4.98 -2.65 7.38
C26 GDZ C . 4.39 -2.89 5.99
N25 GDZ C . 3.19 -2.06 5.76
C13 GDZ C . 2.04 -2.56 5.30
C14 GDZ C . 0.80 -2.27 5.96
C12 GDZ C . 2.01 -3.41 4.18
C17 GDZ C . 0.79 -3.94 3.75
C16 GDZ C . -0.41 -3.66 4.44
N18 GDZ C . -1.51 -4.25 3.91
N15 GDZ C . -0.39 -2.83 5.58
C21 GDZ C . -1.60 -2.66 6.22
O22 GDZ C . -1.62 -1.98 7.24
C20 GDZ C . -2.79 -3.28 5.69
C19 GDZ C . -2.69 -4.08 4.51
C1 GDZ C . -3.84 -4.74 3.93
C7 GDZ C . -5.05 -4.66 4.53
C2 GDZ C . -3.73 -5.50 2.71
C3 GDZ C . -4.85 -6.15 2.16
F4 GDZ C . -4.74 -6.86 1.03
C5 GDZ C . -6.09 -6.05 2.83
N11 GDZ C . -7.35 -6.59 2.52
N6 GDZ C . -6.12 -5.32 3.99
C8 GDZ C . -7.40 -5.35 4.47
C9 GDZ C . -8.17 -6.15 3.58
C10 GDZ C . -9.62 -6.51 3.71
H24B GDZ C . 2.43 -0.12 6.04
H24A GDZ C . 4.06 -0.19 5.33
H23A GDZ C . 3.29 -0.76 8.21
H23B GDZ C . 4.23 0.62 7.62
H29A GDZ C . 6.76 -1.59 9.05
H29C GDZ C . 5.15 -1.33 9.72
H29B GDZ C . 6.07 0.04 9.10
H27A GDZ C . 5.91 -3.22 7.47
H27B GDZ C . 4.28 -3.01 8.13
H26A GDZ C . 5.14 -2.64 5.24
H26B GDZ C . 4.13 -3.95 5.88
H14 GDZ C . 0.75 -1.58 6.80
H12 GDZ C . 2.91 -3.64 3.64
H17 GDZ C . 0.77 -4.57 2.88
H20 GDZ C . -3.71 -3.11 6.23
H7 GDZ C . -5.21 -4.11 5.44
H2 GDZ C . -2.78 -5.58 2.21
H8 GDZ C . -7.70 -4.84 5.38
H10C GDZ C . -9.86 -6.68 4.76
H10B GDZ C . -9.83 -7.41 3.14
H10A GDZ C . -10.24 -5.69 3.33
N1 PSU A 5 -3.03 2.20 -5.43
C2 PSU A 5 -3.63 3.26 -4.78
N3 PSU A 5 -2.96 4.46 -4.89
C4 PSU A 5 -1.81 4.69 -5.60
C5 PSU A 5 -1.28 3.51 -6.26
C6 PSU A 5 -1.91 2.32 -6.15
O2 PSU A 5 -4.67 3.15 -4.14
O4 PSU A 5 -1.31 5.81 -5.62
C1' PSU A 5 -0.01 3.63 -7.09
C2' PSU A 5 1.24 3.40 -6.24
O2' PSU A 5 2.29 4.16 -6.80
C3' PSU A 5 1.47 1.91 -6.44
C4' PSU A 5 1.14 1.81 -7.92
O3' PSU A 5 2.79 1.51 -6.12
O4' PSU A 5 -0.01 2.62 -8.09
C5' PSU A 5 0.89 0.38 -8.42
O5' PSU A 5 -0.11 -0.24 -7.64
P PSU A 5 -0.67 -1.71 -8.02
OP1 PSU A 5 0.50 -2.61 -8.24
OP2 PSU A 5 -1.70 -2.09 -7.02
HN1 PSU A 5 -3.49 1.30 -5.37
HN3 PSU A 5 -3.37 5.25 -4.40
H6 PSU A 5 -1.50 1.45 -6.63
H1' PSU A 5 0.04 4.61 -7.55
H2' PSU A 5 1.10 3.64 -5.19
HO2' PSU A 5 3.11 3.91 -6.36
H3' PSU A 5 0.75 1.33 -5.86
H4' PSU A 5 1.97 2.25 -8.49
H5' PSU A 5 0.59 0.41 -9.46
H5'' PSU A 5 1.81 -0.19 -8.33
N1 PSU A 6 -1.08 2.84 -2.20
C2 PSU A 6 -2.12 3.31 -1.41
N3 PSU A 6 -1.92 4.55 -0.85
C4 PSU A 6 -0.81 5.33 -1.03
C5 PSU A 6 0.21 4.76 -1.87
C6 PSU A 6 0.03 3.54 -2.42
O2 PSU A 6 -3.14 2.66 -1.21
O4 PSU A 6 -0.75 6.44 -0.49
C1' PSU A 6 1.49 5.54 -2.13
C2' PSU A 6 2.49 5.34 -0.99
O2' PSU A 6 3.28 6.51 -0.89
C3' PSU A 6 3.30 4.16 -1.50
C4' PSU A 6 3.41 4.55 -2.96
O3' PSU A 6 4.56 4.06 -0.83
O4' PSU A 6 2.12 5.05 -3.31
C5' PSU A 6 3.84 3.40 -3.86
O5' PSU A 6 2.98 2.29 -3.71
P PSU A 6 3.15 0.98 -4.64
OP1 PSU A 6 4.57 0.58 -4.63
OP2 PSU A 6 2.10 0.00 -4.23
HN1 PSU A 6 -1.18 1.93 -2.62
HN3 PSU A 6 -2.65 4.91 -0.27
H6 PSU A 6 0.80 3.11 -3.05
H1' PSU A 6 1.27 6.60 -2.24
H2' PSU A 6 1.99 5.10 -0.05
HO2' PSU A 6 4.00 6.34 -0.29
H3' PSU A 6 2.73 3.25 -1.39
H4' PSU A 6 4.13 5.37 -3.07
H5' PSU A 6 3.85 3.73 -4.90
H5'' PSU A 6 4.85 3.11 -3.57
C24 GDZ C . 4.56 -3.02 6.04
C23 GDZ C . 5.14 -2.78 7.43
N28 GDZ C . 5.41 -1.33 7.67
C29 GDZ C . 5.98 -1.13 9.01
C27 GDZ C . 4.17 -0.56 7.50
C26 GDZ C . 3.55 -0.76 6.11
N25 GDZ C . 3.36 -2.19 5.80
C13 GDZ C . 2.20 -2.70 5.35
C14 GDZ C . 0.95 -2.35 5.93
C12 GDZ C . 2.18 -3.61 4.28
C17 GDZ C . 0.96 -4.15 3.85
C16 GDZ C . -0.25 -3.81 4.47
N18 GDZ C . -1.34 -4.42 3.95
N15 GDZ C . -0.24 -2.91 5.55
C21 GDZ C . -1.47 -2.67 6.16
O22 GDZ C . -1.51 -1.92 7.12
C20 GDZ C . -2.65 -3.31 5.65
C19 GDZ C . -2.54 -4.18 4.52
C1 GDZ C . -3.67 -4.86 3.95
C7 GDZ C . -4.90 -4.74 4.51
C2 GDZ C . -3.55 -5.70 2.77
C3 GDZ C . -4.66 -6.35 2.22
F4 GDZ C . -4.53 -7.10 1.12
C5 GDZ C . -5.90 -6.19 2.85
N11 GDZ C . -7.17 -6.73 2.54
N6 GDZ C . -5.96 -5.39 3.96
C8 GDZ C . -7.26 -5.40 4.42
C9 GDZ C . -8.00 -6.23 3.55
C10 GDZ C . -9.47 -6.56 3.65
H24B GDZ C . 5.32 -2.78 5.28
H24A GDZ C . 4.30 -4.07 5.94
H23A GDZ C . 6.07 -3.34 7.53
H23B GDZ C . 4.44 -3.14 8.17
H29A GDZ C . 6.90 -1.70 9.11
H29C GDZ C . 5.28 -1.47 9.77
H29B GDZ C . 6.19 -0.07 9.16
H27A GDZ C . 3.44 -0.87 8.26
H27B GDZ C . 4.38 0.50 7.65
H26A GDZ C . 2.61 -0.23 6.05
H26B GDZ C . 4.23 -0.33 5.37
H14 GDZ C . 0.91 -1.61 6.73
H12 GDZ C . 3.09 -3.89 3.79
H17 GDZ C . 0.95 -4.84 3.02
H20 GDZ C . -3.59 -3.08 6.13
H7 GDZ C . -5.07 -4.14 5.39
H2 GDZ C . -2.58 -5.81 2.30
H8 GDZ C . -7.57 -4.84 5.29
H10C GDZ C . -10.06 -5.74 3.25
H10B GDZ C . -9.73 -6.72 4.70
H10A GDZ C . -9.68 -7.47 3.09
N1 PSU A 5 -3.32 2.06 -5.43
C2 PSU A 5 -3.86 3.13 -4.74
N3 PSU A 5 -3.17 4.30 -4.85
C4 PSU A 5 -2.03 4.50 -5.62
C5 PSU A 5 -1.56 3.33 -6.31
C6 PSU A 5 -2.23 2.16 -6.19
O2 PSU A 5 -4.87 3.02 -4.05
O4 PSU A 5 -1.51 5.62 -5.65
C1' PSU A 5 -0.31 3.42 -7.18
C2' PSU A 5 0.95 3.19 -6.35
O2' PSU A 5 1.99 3.95 -6.93
C3' PSU A 5 1.17 1.70 -6.56
C4' PSU A 5 0.80 1.59 -8.02
O3' PSU A 5 2.50 1.29 -6.26
O4' PSU A 5 -0.35 2.40 -8.17
C5' PSU A 5 0.51 0.15 -8.49
O5' PSU A 5 -0.49 -0.43 -7.69
P PSU A 5 -1.08 -1.89 -8.03
OP1 PSU A 5 0.05 -2.82 -8.25
OP2 PSU A 5 -2.10 -2.22 -7.00
HN1 PSU A 5 -3.81 1.18 -5.36
HN3 PSU A 5 -3.53 5.09 -4.34
H6 PSU A 5 -1.88 1.28 -6.70
H1' PSU A 5 -0.28 4.40 -7.64
H2' PSU A 5 0.82 3.43 -5.30
HO2' PSU A 5 1.83 4.87 -6.73
H3' PSU A 5 0.46 1.13 -5.95
H4' PSU A 5 1.61 2.01 -8.61
H5' PSU A 5 0.19 0.17 -9.54
H5'' PSU A 5 1.43 -0.44 -8.41
N1 PSU A 6 -1.22 2.71 -2.21
C2 PSU A 6 -2.21 3.19 -1.39
N3 PSU A 6 -1.99 4.44 -0.86
C4 PSU A 6 -0.88 5.22 -1.09
C5 PSU A 6 0.10 4.62 -1.97
C6 PSU A 6 -0.10 3.39 -2.49
O2 PSU A 6 -3.23 2.55 -1.14
O4 PSU A 6 -0.79 6.33 -0.58
C1' PSU A 6 1.37 5.38 -2.30
C2' PSU A 6 2.41 5.21 -1.18
O2' PSU A 6 3.21 6.37 -1.13
C3' PSU A 6 3.20 4.01 -1.68
C4' PSU A 6 3.25 4.37 -3.17
O3' PSU A 6 4.47 3.91 -1.07
O4' PSU A 6 1.96 4.86 -3.48
C5' PSU A 6 3.63 3.19 -4.06
O5' PSU A 6 2.76 2.09 -3.87
P PSU A 6 2.88 0.77 -4.78
OP1 PSU A 6 4.30 0.35 -4.80
OP2 PSU A 6 1.84 -0.19 -4.33
HN1 PSU A 6 -1.36 1.79 -2.60
HN3 PSU A 6 -2.70 4.82 -0.24
H6 PSU A 6 0.64 2.95 -3.15
H1' PSU A 6 1.16 6.44 -2.44
H2' PSU A 6 1.94 5.02 -0.22
HO2' PSU A 6 3.97 6.19 -0.57
H3' PSU A 6 2.62 3.10 -1.55
H4' PSU A 6 3.98 5.17 -3.32
H5' PSU A 6 3.62 3.50 -5.11
H5'' PSU A 6 4.65 2.88 -3.82
C24 GDZ C . 4.42 -3.07 5.82
C23 GDZ C . 5.05 -2.80 7.20
N28 GDZ C . 5.33 -1.36 7.41
C29 GDZ C . 5.93 -1.15 8.74
C27 GDZ C . 4.09 -0.57 7.25
C26 GDZ C . 3.45 -0.79 5.88
N25 GDZ C . 3.23 -2.22 5.59
C13 GDZ C . 2.06 -2.71 5.16
C14 GDZ C . 0.82 -2.35 5.76
C12 GDZ C . 2.01 -3.62 4.09
C17 GDZ C . 0.78 -4.14 3.66
C16 GDZ C . -0.41 -3.80 4.32
N18 GDZ C . -1.51 -4.39 3.81
N15 GDZ C . -0.38 -2.90 5.40
C21 GDZ C . -1.59 -2.66 6.02
O22 GDZ C . -1.61 -1.90 6.99
C20 GDZ C . -2.78 -3.29 5.54
C19 GDZ C . -2.70 -4.18 4.41
C1 GDZ C . -3.85 -4.86 3.88
C7 GDZ C . -5.07 -4.76 4.47
C2 GDZ C . -3.74 -5.69 2.70
C3 GDZ C . -4.85 -6.37 2.18
F4 GDZ C . -4.73 -7.14 1.09
C5 GDZ C . -6.08 -6.23 2.84
N11 GDZ C . -7.34 -6.80 2.57
N6 GDZ C . -6.13 -5.43 3.96
C8 GDZ C . -7.41 -5.45 4.44
C9 GDZ C . -8.16 -6.31 3.59
C10 GDZ C . -9.62 -6.67 3.74
H24B GDZ C . 5.16 -2.86 5.04
H24A GDZ C . 4.14 -4.12 5.76
H23A GDZ C . 5.97 -3.37 7.28
H23B GDZ C . 4.36 -3.15 7.96
H29A GDZ C . 6.85 -1.73 8.83
H29C GDZ C . 5.23 -1.48 9.51
H29B GDZ C . 6.16 -0.09 8.88
H27A GDZ C . 3.38 -0.89 8.01
H27B GDZ C . 4.31 0.49 7.39
H26A GDZ C . 2.50 -0.25 5.83
H26B GDZ C . 4.12 -0.38 5.11
H14 GDZ C . 0.79 -1.62 6.56
H12 GDZ C . 2.92 -3.91 3.58
H17 GDZ C . 0.76 -4.83 2.84
H20 GDZ C . -3.70 -3.07 6.04
H7 GDZ C . -5.22 -4.14 5.35
H2 GDZ C . -2.78 -5.80 2.21
H8 GDZ C . -7.70 -4.89 5.32
H10C GDZ C . -9.85 -6.84 4.80
H10B GDZ C . -9.83 -7.59 3.19
H10A GDZ C . -10.24 -5.86 3.35
N1 PSU A 5 -3.27 2.13 -5.34
C2 PSU A 5 -3.81 3.18 -4.64
N3 PSU A 5 -3.14 4.38 -4.78
C4 PSU A 5 -2.01 4.59 -5.53
C5 PSU A 5 -1.53 3.41 -6.23
C6 PSU A 5 -2.18 2.23 -6.10
O2 PSU A 5 -4.82 3.07 -3.96
O4 PSU A 5 -1.50 5.71 -5.58
C1' PSU A 5 -0.28 3.50 -7.08
C2' PSU A 5 0.98 3.26 -6.26
O2' PSU A 5 2.03 4.03 -6.83
C3' PSU A 5 1.21 1.77 -6.48
C4' PSU A 5 0.86 1.69 -7.95
O3' PSU A 5 2.52 1.37 -6.17
O4' PSU A 5 -0.30 2.51 -8.09
C5' PSU A 5 0.62 0.26 -8.45
O5' PSU A 5 -0.37 -0.37 -7.67
P PSU A 5 -0.90 -1.84 -8.07
OP1 PSU A 5 0.29 -2.71 -8.28
OP2 PSU A 5 -1.92 -2.26 -7.08
HN1 PSU A 5 -3.75 1.24 -5.27
HN3 PSU A 5 -3.50 5.16 -4.25
H6 PSU A 5 -1.82 1.36 -6.64
H1' PSU A 5 -0.23 4.49 -7.55
H2' PSU A 5 0.84 3.50 -5.21
HO2' PSU A 5 2.85 3.74 -6.44
H3' PSU A 5 0.48 1.19 -5.91
H4' PSU A 5 1.67 2.13 -8.52
H5' PSU A 5 0.31 0.30 -9.49
H5'' PSU A 5 1.54 -0.29 -8.36
N1 PSU A 6 -1.27 2.80 -2.12
C2 PSU A 6 -2.25 3.28 -1.27
N3 PSU A 6 -1.99 4.52 -0.72
C4 PSU A 6 -0.87 5.28 -0.95
C5 PSU A 6 0.09 4.69 -1.84
C6 PSU A 6 -0.15 3.48 -2.39
O2 PSU A 6 -3.27 2.65 -1.03
O4 PSU A 6 -0.75 6.38 -0.40
C1' PSU A 6 1.37 5.43 -2.16
C2' PSU A 6 2.39 5.22 -1.03
O2' PSU A 6 3.20 6.38 -0.95
C3' PSU A 6 3.17 4.03 -1.56
C4' PSU A 6 3.24 4.42 -3.04
O3' PSU A 6 4.43 3.90 -0.95
O4' PSU A 6 1.95 4.93 -3.34
C5' PSU A 6 3.63 3.25 -3.93
O5' PSU A 6 2.75 2.15 -3.78
P PSU A 6 2.88 0.83 -4.69
OP1 PSU A 6 4.30 0.39 -4.69
OP2 PSU A 6 1.83 -0.13 -4.28
HN1 PSU A 6 -1.42 1.90 -2.53
HN3 PSU A 6 -2.70 4.88 -0.10
H6 PSU A 6 0.58 3.04 -3.06
H1' PSU A 6 1.16 6.50 -2.26
H2' PSU A 6 1.93 5.00 -0.07
HO2' PSU A 6 3.92 6.20 -0.35
H3' PSU A 6 2.59 3.12 -1.46
H4' PSU A 6 3.97 5.22 -3.15
H5' PSU A 6 3.62 3.57 -4.98
H5'' PSU A 6 4.63 2.92 -3.68
C24 GDZ C . 4.42 -3.17 6.10
C23 GDZ C . 5.00 -2.84 7.48
N28 GDZ C . 5.30 -1.40 7.64
C29 GDZ C . 6.42 -0.97 6.78
C27 GDZ C . 4.09 -0.59 7.38
C26 GDZ C . 3.49 -0.86 5.99
N25 GDZ C . 3.27 -2.31 5.77
C13 GDZ C . 2.11 -2.80 5.31
C14 GDZ C . 0.87 -2.45 5.92
C12 GDZ C . 2.08 -3.67 4.22
C17 GDZ C . 0.85 -4.19 3.77
C16 GDZ C . -0.34 -3.85 4.43
N18 GDZ C . -1.44 -4.46 3.91
N15 GDZ C . -0.33 -2.99 5.53
C21 GDZ C . -1.55 -2.75 6.14
O22 GDZ C . -1.57 -2.00 7.12
C20 GDZ C . -2.73 -3.35 5.61
C19 GDZ C . -2.63 -4.22 4.49
C1 GDZ C . -3.78 -4.90 3.93
C7 GDZ C . -5.00 -4.75 4.50
C2 GDZ C . -3.67 -5.74 2.77
C3 GDZ C . -4.79 -6.40 2.24
F4 GDZ C . -4.69 -7.19 1.16
C5 GDZ C . -6.03 -6.23 2.89
N11 GDZ C . -7.30 -6.78 2.60
N6 GDZ C . -6.07 -5.42 3.98
C8 GDZ C . -7.35 -5.41 4.45
C9 GDZ C . -8.12 -6.26 3.60
C10 GDZ C . -9.58 -6.59 3.75
H24B GDZ C . 5.19 -3.03 5.35
H24A GDZ C . 4.12 -4.22 6.10
H23A GDZ C . 5.90 -3.41 7.66
H23B GDZ C . 4.27 -3.11 8.24
H29A GDZ C . 6.18 -1.13 5.73
H29C GDZ C . 7.31 -1.54 7.02
H29B GDZ C . 6.63 0.09 6.94
H27A GDZ C . 3.34 -0.84 8.13
H27B GDZ C . 4.33 0.47 7.47
H26A GDZ C . 2.55 -0.33 5.91
H26B GDZ C . 4.16 -0.49 5.22
H14 GDZ C . 0.84 -1.74 6.73
H12 GDZ C . 2.99 -3.94 3.71
H17 GDZ C . 0.83 -4.86 2.93
H20 GDZ C . -3.66 -3.12 6.10
H7 GDZ C . -5.16 -4.14 5.37
H2 GDZ C . -2.71 -5.87 2.29
H8 GDZ C . -7.64 -4.84 5.32
H10C GDZ C . -9.79 -7.53 3.22
H10B GDZ C . -10.18 -5.79 3.31
H10A GDZ C . -9.83 -6.70 4.80
N1 PSU A 5 -3.29 2.02 -5.35
C2 PSU A 5 -3.87 3.07 -4.67
N3 PSU A 5 -3.21 4.28 -4.81
C4 PSU A 5 -2.08 4.50 -5.56
C5 PSU A 5 -1.58 3.33 -6.25
C6 PSU A 5 -2.20 2.15 -6.11
O2 PSU A 5 -4.88 2.94 -3.98
O4 PSU A 5 -1.58 5.62 -5.61
C1' PSU A 5 -0.34 3.44 -7.12
C2' PSU A 5 0.94 3.23 -6.32
O2' PSU A 5 1.96 4.00 -6.91
C3' PSU A 5 1.19 1.74 -6.52
C4' PSU A 5 0.80 1.63 -8.00
O3' PSU A 5 2.51 1.35 -6.24
O4' PSU A 5 -0.37 2.43 -8.12
C5' PSU A 5 0.55 0.20 -8.47
O5' PSU A 5 -0.43 -0.43 -7.67
P PSU A 5 -0.98 -1.90 -8.02
OP1 PSU A 5 0.19 -2.78 -8.28
OP2 PSU A 5 -1.96 -2.29 -6.98
HN1 PSU A 5 -3.74 1.12 -5.26
HN3 PSU A 5 -3.59 5.06 -4.30
H6 PSU A 5 -1.83 1.26 -6.61
H1' PSU A 5 -0.32 4.43 -7.59
H2' PSU A 5 0.81 3.47 -5.26
HO2' PSU A 5 1.81 4.93 -6.70
H3' PSU A 5 0.48 1.16 -5.92
H4' PSU A 5 1.60 2.09 -8.58
H5' PSU A 5 0.21 0.22 -9.51
H5'' PSU A 5 1.49 -0.36 -8.43
N1 PSU A 6 -1.22 2.73 -2.18
C2 PSU A 6 -2.22 3.19 -1.36
N3 PSU A 6 -2.01 4.45 -0.84
C4 PSU A 6 -0.91 5.23 -1.07
C5 PSU A 6 0.08 4.65 -1.94
C6 PSU A 6 -0.11 3.42 -2.47
O2 PSU A 6 -3.23 2.54 -1.11
O4 PSU A 6 -0.82 6.35 -0.55
C1' PSU A 6 1.36 5.41 -2.26
C2' PSU A 6 2.38 5.23 -1.13
O2' PSU A 6 3.15 6.41 -1.05
C3' PSU A 6 3.19 4.06 -1.66
C4' PSU A 6 3.24 4.43 -3.14
O3' PSU A 6 4.45 3.95 -1.06
O4' PSU A 6 1.94 4.91 -3.45
C5' PSU A 6 3.64 3.26 -4.04
O5' PSU A 6 2.78 2.15 -3.85
P PSU A 6 2.91 0.83 -4.76
OP1 PSU A 6 4.33 0.43 -4.79
OP2 PSU A 6 1.89 -0.14 -4.32
HN1 PSU A 6 -1.35 1.81 -2.59
HN3 PSU A 6 -2.73 4.82 -0.23
H6 PSU A 6 0.63 2.98 -3.13
H1' PSU A 6 1.12 6.47 -2.40
H2' PSU A 6 1.90 5.00 -0.19
HO2' PSU A 6 2.61 7.12 -0.72
H3' PSU A 6 2.62 3.13 -1.54
H4' PSU A 6 3.96 5.24 -3.27
H5' PSU A 6 3.60 3.57 -5.08
H5'' PSU A 6 4.65 2.97 -3.80
C24 GDZ C . 3.39 -0.79 6.71
C23 GDZ C . 4.87 -0.39 6.75
N28 GDZ C . 5.66 -1.28 7.61
C29 GDZ C . 7.07 -0.84 7.62
C27 GDZ C . 5.59 -2.64 7.04
C26 GDZ C . 4.15 -3.18 7.05
N25 GDZ C . 3.17 -2.24 6.47
C13 GDZ C . 2.06 -2.69 5.85
C14 GDZ C . 0.76 -2.23 6.26
C12 GDZ C . 2.11 -3.64 4.82
C17 GDZ C . 0.92 -4.13 4.29
C16 GDZ C . -0.33 -3.73 4.78
N18 GDZ C . -1.39 -4.33 4.18
N15 GDZ C . -0.40 -2.79 5.81
C21 GDZ C . -1.65 -2.51 6.31
O22 GDZ C . -1.75 -1.74 7.25
C20 GDZ C . -2.79 -3.13 5.73
C19 GDZ C . -2.62 -4.07 4.65
C1 GDZ C . -3.73 -4.77 4.06
C7 GDZ C . -4.98 -4.64 4.57
C2 GDZ C . -3.56 -5.62 2.91
C3 GDZ C . -4.64 -6.32 2.35
F4 GDZ C . -4.46 -7.12 1.28
C5 GDZ C . -5.91 -6.16 2.93
N11 GDZ C . -7.16 -6.73 2.59
N6 GDZ C . -6.02 -5.32 4.01
C8 GDZ C . -7.33 -5.32 4.42
C9 GDZ C . -8.03 -6.20 3.56
C10 GDZ C . -9.49 -6.55 3.63
H24B GDZ C . 2.96 -0.53 7.68
H24A GDZ C . 2.88 -0.21 5.94
H23A GDZ C . 4.94 0.63 7.11
H23B GDZ C . 5.25 -0.44 5.73
H29A GDZ C . 7.66 -1.52 8.24
H29C GDZ C . 7.13 0.17 8.04
H29B GDZ C . 7.47 -0.84 6.60
H27A GDZ C . 5.94 -2.63 6.02
H27B GDZ C . 6.20 -3.32 7.64
H26A GDZ C . 4.14 -4.12 6.50
H26B GDZ C . 3.86 -3.38 8.08
H14 GDZ C . 0.68 -1.42 6.98
H12 GDZ C . 3.06 -3.98 4.45
H17 GDZ C . 0.96 -4.85 3.47
H20 GDZ C . -3.76 -2.87 6.13
H7 GDZ C . -5.19 -4.00 5.42
H2 GDZ C . -2.57 -5.75 2.48
H8 GDZ C . -7.67 -4.73 5.26
H10C GDZ C . -9.75 -6.75 4.67
H10B GDZ C . -9.69 -7.44 3.04
H10A GDZ C . -10.08 -5.72 3.25
N1 PSU A 5 -3.11 2.17 -5.47
C2 PSU A 5 -3.67 3.23 -4.80
N3 PSU A 5 -2.98 4.42 -4.92
C4 PSU A 5 -1.84 4.63 -5.65
C5 PSU A 5 -1.34 3.45 -6.32
C6 PSU A 5 -2.00 2.27 -6.21
O2 PSU A 5 -4.70 3.14 -4.14
O4 PSU A 5 -1.31 5.74 -5.67
C1' PSU A 5 -0.09 3.53 -7.17
C2' PSU A 5 1.17 3.32 -6.33
O2' PSU A 5 2.22 4.09 -6.89
C3' PSU A 5 1.41 1.82 -6.54
C4' PSU A 5 1.05 1.71 -8.02
O3' PSU A 5 2.72 1.43 -6.23
O4' PSU A 5 -0.11 2.51 -8.17
C5' PSU A 5 0.80 0.28 -8.48
O5' PSU A 5 -0.20 -0.33 -7.68
P PSU A 5 -0.74 -1.81 -8.04
OP1 PSU A 5 0.43 -2.69 -8.25
OP2 PSU A 5 -1.76 -2.18 -7.02
HN1 PSU A 5 -3.59 1.28 -5.39
HN3 PSU A 5 -3.37 5.22 -4.42
H6 PSU A 5 -1.63 1.39 -6.69
H1' PSU A 5 -0.05 4.51 -7.65
H2' PSU A 5 1.03 3.55 -5.28
HO2' PSU A 5 2.06 5.01 -6.70
H3' PSU A 5 0.69 1.25 -5.95
H4' PSU A 5 1.86 2.14 -8.60
H5' PSU A 5 0.48 0.30 -9.52
H5'' PSU A 5 1.71 -0.29 -8.41
N1 PSU A 6 -1.10 2.80 -2.25
C2 PSU A 6 -2.12 3.28 -1.47
N3 PSU A 6 -1.93 4.54 -0.95
C4 PSU A 6 -0.82 5.33 -1.14
C5 PSU A 6 0.20 4.73 -1.98
C6 PSU A 6 0.02 3.48 -2.49
O2 PSU A 6 -3.15 2.65 -1.25
O4 PSU A 6 -0.76 6.44 -0.63
C1' PSU A 6 1.48 5.49 -2.27
C2' PSU A 6 2.48 5.32 -1.14
O2' PSU A 6 3.26 6.50 -1.06
C3' PSU A 6 3.32 4.14 -1.65
C4' PSU A 6 3.39 4.51 -3.13
O3' PSU A 6 4.59 4.07 -1.02
O4' PSU A 6 2.09 4.99 -3.46
C5' PSU A 6 3.80 3.34 -4.02
O5' PSU A 6 2.95 2.23 -3.85
P PSU A 6 3.09 0.91 -4.75
OP1 PSU A 6 4.53 0.51 -4.75
OP2 PSU A 6 2.06 -0.07 -4.32
HN1 PSU A 6 -1.21 1.88 -2.65
HN3 PSU A 6 -2.66 4.90 -0.36
H6 PSU A 6 0.79 3.04 -3.12
H1' PSU A 6 1.26 6.54 -2.40
H2' PSU A 6 2.00 5.09 -0.19
HO2' PSU A 6 4.01 6.34 -0.48
H3' PSU A 6 2.75 3.22 -1.52
H4' PSU A 6 4.10 5.32 -3.24
H5' PSU A 6 3.79 3.66 -5.06
H5'' PSU A 6 4.82 3.04 -3.75
C24 GDZ C . 4.43 -2.84 5.54
C23 GDZ C . 5.58 -2.02 6.14
N28 GDZ C . 5.13 -1.35 7.37
C29 GDZ C . 6.25 -0.68 8.06
C27 GDZ C . 4.02 -0.39 7.12
C26 GDZ C . 3.33 -0.61 5.76
N25 GDZ C . 3.19 -2.04 5.42
C13 GDZ C . 2.03 -2.58 5.01
C14 GDZ C . 0.80 -2.28 5.69
C12 GDZ C . 1.97 -3.46 3.93
C17 GDZ C . 0.75 -4.02 3.55
C16 GDZ C . -0.42 -3.74 4.25
N18 GDZ C . -1.52 -4.36 3.76
N15 GDZ C . -0.40 -2.87 5.35
C21 GDZ C . -1.58 -2.70 6.02
O22 GDZ C . -1.59 -1.96 7.01
C20 GDZ C . -2.77 -3.34 5.55
C19 GDZ C . -2.70 -4.18 4.40
C1 GDZ C . -3.85 -4.87 3.87
C7 GDZ C . -5.05 -4.80 4.48
C2 GDZ C . -3.75 -5.68 2.68
C3 GDZ C . -4.86 -6.38 2.17
F4 GDZ C . -4.75 -7.13 1.07
C5 GDZ C . -6.08 -6.26 2.85
N11 GDZ C . -7.33 -6.83 2.58
N6 GDZ C . -6.12 -5.47 3.98
C8 GDZ C . -7.39 -5.51 4.48
C9 GDZ C . -8.15 -6.36 3.63
C10 GDZ C . -9.59 -6.73 3.79
H24B GDZ C . 4.74 -3.19 4.56
H24A GDZ C . 4.22 -3.70 6.17
H23A GDZ C . 5.92 -1.29 5.42
H23B GDZ C . 6.40 -2.70 6.37
H29A GDZ C . 6.66 0.11 7.43
H29C GDZ C . 7.03 -1.40 8.28
H29B GDZ C . 5.91 -0.23 9.00
H27A GDZ C . 3.28 -0.50 7.91
H27B GDZ C . 4.39 0.63 7.15
H26A GDZ C . 2.36 -0.12 5.78
H26B GDZ C . 3.93 -0.14 4.99
H14 GDZ C . 0.77 -1.57 6.50
H12 GDZ C . 2.87 -3.71 3.38
H17 GDZ C . 0.72 -4.69 2.69
H20 GDZ C . -3.69 -3.15 6.10
H7 GDZ C . -5.20 -4.20 5.38
H2 GDZ C . -2.80 -5.76 2.16
H8 GDZ C . -7.68 -4.98 5.38
H10C GDZ C . -10.23 -5.94 3.38
H10B GDZ C . -9.82 -6.89 4.85
H10A GDZ C . -9.80 -7.66 3.24
#